data_6NL5
#
_entry.id   6NL5
#
_cell.length_a   53.827
_cell.length_b   103.835
_cell.length_c   153.326
_cell.angle_alpha   90.000
_cell.angle_beta   90.000
_cell.angle_gamma   90.000
#
_symmetry.space_group_name_H-M   'P 21 21 21'
#
loop_
_entity.id
_entity.type
_entity.pdbx_description
1 polymer 'ATP-dependent dethiobiotin synthetase BioD'
2 non-polymer "2'-DEOXYCYTIDINE-5'-TRIPHOSPHATE"
3 non-polymer 'MAGNESIUM ION'
4 water water
#
_entity_poly.entity_id   1
_entity_poly.type   'polypeptide(L)'
_entity_poly.pdbx_seq_one_letter_code
;HHHHHHGGTILVVTGTGTGVGKTVVCAALASAARQAGIDVAVCKPVQTGTARGDDDLAEVGRLAGVTQLAGLARYPQPMA
PAAAAEHAGMALPARDQIVRLIADLDRPGRLTLVEGAGGLLVELAEPGVTLRDVAVDVAAAALVVVTADLGTLNHTKLTL
EALAAQQVSCAGLVIGSWPDPPGLVAASNRSALARIAMVRAALPAGAASLDAGDFAAMSAAAFDRNWVAGLVG
;
_entity_poly.pdbx_strand_id   A,B,C,D
#
loop_
_chem_comp.id
_chem_comp.type
_chem_comp.name
_chem_comp.formula
DCP non-polymer 2'-DEOXYCYTIDINE-5'-TRIPHOSPHATE 'C9 H16 N3 O13 P3'
MG non-polymer 'MAGNESIUM ION' 'Mg 2'
#
# COMPACT_ATOMS: atom_id res chain seq x y z
N GLY A 7 -7.11 -1.82 23.02
CA GLY A 7 -5.67 -1.96 23.01
C GLY A 7 -4.91 -0.75 22.46
N GLY A 8 -3.60 -0.92 22.23
CA GLY A 8 -2.75 0.15 21.74
C GLY A 8 -2.23 -0.06 20.33
N THR A 9 -0.93 0.13 20.11
CA THR A 9 -0.34 -0.13 18.81
C THR A 9 0.73 -1.20 18.90
N ILE A 10 0.76 -2.07 17.90
CA ILE A 10 1.80 -3.06 17.76
C ILE A 10 2.51 -2.85 16.43
N LEU A 11 3.83 -2.78 16.49
CA LEU A 11 4.70 -2.78 15.32
C LEU A 11 5.65 -3.98 15.42
N VAL A 12 5.59 -4.88 14.46
CA VAL A 12 6.71 -5.82 14.36
C VAL A 12 7.84 -5.10 13.65
N VAL A 13 9.05 -5.25 14.18
CA VAL A 13 10.25 -4.64 13.61
C VAL A 13 11.02 -5.74 12.90
N THR A 14 11.03 -5.67 11.57
CA THR A 14 11.58 -6.75 10.77
C THR A 14 12.81 -6.23 10.02
N GLY A 15 13.38 -7.08 9.19
CA GLY A 15 14.58 -6.67 8.47
C GLY A 15 14.69 -7.40 7.15
N THR A 16 15.57 -6.87 6.29
CA THR A 16 15.81 -7.55 5.03
C THR A 16 16.65 -8.80 5.19
N GLY A 17 17.32 -8.96 6.31
CA GLY A 17 18.11 -10.13 6.58
C GLY A 17 18.60 -10.03 8.00
N THR A 18 19.42 -11.00 8.40
CA THR A 18 20.00 -10.94 9.72
C THR A 18 21.20 -9.99 9.74
N GLY A 19 21.39 -9.34 10.88
CA GLY A 19 22.51 -8.44 11.09
C GLY A 19 22.25 -6.99 10.72
N VAL A 20 21.05 -6.64 10.24
CA VAL A 20 20.85 -5.37 9.54
C VAL A 20 20.60 -4.20 10.46
N GLY A 21 20.64 -4.38 11.77
CA GLY A 21 20.37 -3.32 12.71
C GLY A 21 19.02 -3.34 13.40
N LYS A 22 18.36 -4.51 13.50
CA LYS A 22 16.98 -4.52 14.01
C LYS A 22 16.92 -4.01 15.45
N THR A 23 17.75 -4.58 16.33
CA THR A 23 17.71 -4.28 17.76
C THR A 23 18.00 -2.79 18.04
N VAL A 24 19.00 -2.22 17.34
CA VAL A 24 19.31 -0.83 17.55
C VAL A 24 18.11 0.04 17.18
N VAL A 25 17.39 -0.35 16.14
CA VAL A 25 16.18 0.35 15.70
C VAL A 25 15.06 0.23 16.75
N CYS A 26 14.75 -1.01 17.18
CA CYS A 26 13.82 -1.19 18.30
C CYS A 26 14.17 -0.20 19.40
N ALA A 27 15.43 -0.20 19.81
CA ALA A 27 15.88 0.65 20.90
C ALA A 27 15.75 2.14 20.56
N ALA A 28 16.12 2.53 19.35
CA ALA A 28 16.07 3.94 18.98
C ALA A 28 14.64 4.46 18.96
N LEU A 29 13.73 3.70 18.36
CA LEU A 29 12.36 4.14 18.27
C LEU A 29 11.67 4.09 19.63
N ALA A 30 11.95 3.03 20.40
CA ALA A 30 11.48 2.97 21.77
C ALA A 30 11.96 4.17 22.57
N SER A 31 13.26 4.49 22.45
CA SER A 31 13.78 5.69 23.10
C SER A 31 13.00 6.92 22.65
N ALA A 32 12.94 7.15 21.33
CA ALA A 32 12.27 8.34 20.81
C ALA A 32 10.83 8.43 21.28
N ALA A 33 10.14 7.29 21.34
CA ALA A 33 8.75 7.28 21.79
C ALA A 33 8.65 7.66 23.26
N ARG A 34 9.56 7.12 24.09
CA ARG A 34 9.52 7.42 25.51
C ARG A 34 9.70 8.91 25.77
N GLN A 35 10.54 9.57 24.98
CA GLN A 35 10.69 11.01 25.05
C GLN A 35 9.49 11.76 24.51
N ALA A 36 8.49 11.03 24.00
CA ALA A 36 7.19 11.61 23.67
C ALA A 36 6.14 11.26 24.71
N GLY A 37 6.56 10.82 25.89
CA GLY A 37 5.64 10.33 26.89
C GLY A 37 4.92 9.03 26.55
N ILE A 38 5.33 8.31 25.50
CA ILE A 38 4.61 7.13 25.05
C ILE A 38 5.14 5.89 25.76
N ASP A 39 4.26 5.16 26.41
CA ASP A 39 4.68 3.90 27.03
C ASP A 39 5.16 2.95 25.95
N VAL A 40 6.27 2.25 26.21
CA VAL A 40 6.82 1.29 25.26
C VAL A 40 7.11 -0.04 25.94
N ALA A 41 6.66 -1.12 25.33
CA ALA A 41 7.16 -2.44 25.63
C ALA A 41 7.87 -2.97 24.40
N VAL A 42 8.95 -3.72 24.60
CA VAL A 42 9.59 -4.41 23.49
C VAL A 42 9.53 -5.90 23.77
N CYS A 43 9.41 -6.71 22.71
CA CYS A 43 9.10 -8.13 22.85
C CYS A 43 9.96 -8.96 21.90
N LYS A 44 10.83 -9.83 22.45
CA LYS A 44 11.64 -10.72 21.63
C LYS A 44 11.20 -12.18 21.81
N PRO A 45 10.17 -12.58 21.06
CA PRO A 45 9.58 -13.92 21.29
C PRO A 45 10.52 -15.08 21.03
N VAL A 46 11.32 -15.03 19.98
CA VAL A 46 12.30 -16.08 19.72
C VAL A 46 13.68 -15.44 19.68
N GLN A 47 14.55 -15.95 20.53
CA GLN A 47 15.92 -15.46 20.68
C GLN A 47 16.86 -16.66 20.60
N THR A 48 17.71 -16.69 19.56
CA THR A 48 18.73 -17.73 19.38
C THR A 48 20.10 -17.20 19.79
N GLY A 49 21.05 -18.13 19.82
CA GLY A 49 22.45 -17.81 20.10
C GLY A 49 22.69 -17.23 21.47
N THR A 50 22.01 -17.74 22.49
CA THR A 50 22.19 -17.20 23.84
C THR A 50 23.47 -17.71 24.48
N ALA A 51 23.99 -18.83 24.00
CA ALA A 51 25.24 -19.33 24.51
C ALA A 51 26.42 -18.49 24.03
N ARG A 52 26.22 -17.67 23.01
CA ARG A 52 27.20 -16.65 22.64
C ARG A 52 26.92 -15.32 23.31
N GLY A 53 26.03 -15.29 24.30
CA GLY A 53 25.72 -14.06 25.01
C GLY A 53 24.80 -13.11 24.27
N ASP A 54 24.16 -13.57 23.20
CA ASP A 54 23.18 -12.74 22.51
C ASP A 54 21.94 -12.61 23.38
N ASP A 55 21.44 -11.37 23.51
CA ASP A 55 20.25 -11.12 24.29
C ASP A 55 19.71 -9.75 23.80
N ASP A 56 18.83 -9.80 22.83
CA ASP A 56 18.37 -8.56 22.22
C ASP A 56 17.48 -7.78 23.18
N LEU A 57 16.75 -8.47 24.06
CA LEU A 57 15.95 -7.77 25.05
C LEU A 57 16.85 -6.94 25.97
N ALA A 58 17.87 -7.58 26.55
CA ALA A 58 18.78 -6.86 27.44
C ALA A 58 19.42 -5.66 26.74
N GLU A 59 19.70 -5.78 25.43
CA GLU A 59 20.40 -4.71 24.73
C GLU A 59 19.50 -3.49 24.51
N VAL A 60 18.21 -3.71 24.24
CA VAL A 60 17.27 -2.60 24.13
C VAL A 60 17.17 -1.86 25.46
N GLY A 61 17.04 -2.62 26.55
CA GLY A 61 17.11 -2.01 27.87
C GLY A 61 18.42 -1.29 28.09
N ARG A 62 19.54 -1.94 27.75
CA ARG A 62 20.85 -1.35 28.02
C ARG A 62 21.03 -0.02 27.30
N LEU A 63 20.42 0.14 26.12
CA LEU A 63 20.60 1.32 25.31
C LEU A 63 19.48 2.34 25.50
N ALA A 64 18.24 1.88 25.66
CA ALA A 64 17.10 2.77 25.71
C ALA A 64 16.48 2.88 27.09
N GLY A 65 16.82 1.99 28.02
CA GLY A 65 16.22 1.99 29.34
C GLY A 65 14.81 1.42 29.41
N VAL A 66 14.37 0.69 28.39
CA VAL A 66 13.07 0.05 28.46
C VAL A 66 13.12 -1.01 29.54
N THR A 67 12.19 -0.95 30.49
CA THR A 67 12.09 -1.98 31.51
C THR A 67 11.05 -3.03 31.19
N GLN A 68 10.18 -2.76 30.22
CA GLN A 68 9.10 -3.67 29.89
C GLN A 68 9.57 -4.53 28.72
N LEU A 69 10.33 -5.57 29.06
CA LEU A 69 11.00 -6.45 28.12
C LEU A 69 10.39 -7.85 28.24
N ALA A 70 9.90 -8.41 27.13
CA ALA A 70 9.17 -9.66 27.17
C ALA A 70 9.76 -10.69 26.22
N GLY A 71 10.19 -11.84 26.76
CA GLY A 71 10.68 -12.94 25.98
C GLY A 71 9.84 -14.20 26.16
N LEU A 72 10.31 -15.29 25.54
CA LEU A 72 9.60 -16.55 25.62
C LEU A 72 10.56 -17.71 25.37
N ALA A 73 10.98 -17.93 24.13
CA ALA A 73 11.92 -19.00 23.81
C ALA A 73 13.34 -18.46 23.70
N ARG A 74 14.29 -19.23 24.22
CA ARG A 74 15.70 -18.89 24.09
C ARG A 74 16.45 -20.16 23.70
N TYR A 75 17.23 -20.09 22.61
CA TYR A 75 18.03 -21.25 22.26
C TYR A 75 19.51 -20.89 22.27
N PRO A 76 20.38 -21.84 22.63
CA PRO A 76 21.79 -21.51 22.84
C PRO A 76 22.57 -21.19 21.57
N GLN A 77 22.45 -22.07 20.56
CA GLN A 77 23.21 -21.96 19.30
C GLN A 77 22.72 -20.81 18.43
N PRO A 78 23.63 -20.01 17.85
CA PRO A 78 23.24 -18.90 16.96
C PRO A 78 22.93 -19.42 15.56
N MET A 79 21.72 -19.97 15.43
CA MET A 79 21.25 -20.54 14.18
C MET A 79 19.84 -20.04 13.94
N ALA A 80 19.31 -20.43 12.79
CA ALA A 80 17.89 -20.32 12.56
C ALA A 80 17.15 -20.96 13.73
N PRO A 81 16.08 -20.35 14.24
CA PRO A 81 15.38 -20.94 15.40
C PRO A 81 15.03 -22.41 15.24
N ALA A 82 14.69 -22.86 14.04
CA ALA A 82 14.40 -24.29 13.88
C ALA A 82 15.66 -25.12 14.09
N ALA A 83 16.81 -24.61 13.64
CA ALA A 83 18.06 -25.32 13.85
C ALA A 83 18.50 -25.24 15.30
N ALA A 84 18.33 -24.07 15.91
CA ALA A 84 18.76 -23.90 17.30
C ALA A 84 17.91 -24.78 18.23
N ALA A 85 16.61 -24.78 18.05
CA ALA A 85 15.76 -25.73 18.76
C ALA A 85 16.21 -27.16 18.54
N GLU A 86 16.35 -27.57 17.27
CA GLU A 86 16.64 -28.97 16.96
C GLU A 86 17.96 -29.42 17.57
N HIS A 87 18.89 -28.48 17.77
CA HIS A 87 20.19 -28.80 18.35
C HIS A 87 20.11 -28.97 19.86
N ALA A 88 19.21 -28.22 20.51
CA ALA A 88 19.07 -28.25 21.95
C ALA A 88 18.09 -29.31 22.41
N GLY A 89 17.50 -30.05 21.49
CA GLY A 89 16.46 -30.97 21.84
C GLY A 89 15.13 -30.33 22.18
N MET A 90 14.99 -29.02 21.95
CA MET A 90 13.82 -28.29 22.37
C MET A 90 12.81 -28.21 21.21
N ALA A 91 11.73 -27.44 21.41
CA ALA A 91 10.74 -27.18 20.39
C ALA A 91 10.57 -25.67 20.21
N LEU A 92 10.03 -25.32 19.07
CA LEU A 92 9.65 -23.94 18.83
C LEU A 92 8.36 -23.65 19.57
N PRO A 93 8.06 -22.37 19.84
CA PRO A 93 6.75 -22.05 20.40
C PRO A 93 5.65 -22.39 19.40
N ALA A 94 4.45 -22.61 19.92
CA ALA A 94 3.30 -22.61 19.03
C ALA A 94 2.96 -21.17 18.63
N ARG A 95 2.21 -21.06 17.53
N ARG A 95 2.21 -21.06 17.53
CA ARG A 95 1.82 -19.74 17.03
CA ARG A 95 1.83 -19.74 17.03
C ARG A 95 1.06 -18.95 18.08
C ARG A 95 1.06 -18.95 18.08
N ASP A 96 0.18 -19.62 18.84
CA ASP A 96 -0.67 -18.92 19.80
C ASP A 96 0.12 -18.41 21.00
N GLN A 97 1.22 -19.07 21.34
CA GLN A 97 2.08 -18.58 22.41
C GLN A 97 2.70 -17.23 22.06
N ILE A 98 3.14 -17.06 20.81
CA ILE A 98 3.75 -15.79 20.43
C ILE A 98 2.70 -14.69 20.39
N VAL A 99 1.50 -15.01 19.91
CA VAL A 99 0.43 -14.02 19.87
C VAL A 99 -0.01 -13.67 21.28
N ARG A 100 -0.16 -14.68 22.15
CA ARG A 100 -0.56 -14.42 23.53
C ARG A 100 0.46 -13.52 24.24
N LEU A 101 1.75 -13.75 23.98
CA LEU A 101 2.79 -12.94 24.60
C LEU A 101 2.66 -11.46 24.23
N ILE A 102 2.41 -11.19 22.93
CA ILE A 102 2.23 -9.81 22.50
C ILE A 102 0.92 -9.26 23.05
N ALA A 103 -0.14 -10.07 23.00
CA ALA A 103 -1.48 -9.57 23.33
C ALA A 103 -1.57 -9.06 24.77
N ASP A 104 -1.00 -9.80 25.72
CA ASP A 104 -1.04 -9.33 27.09
C ASP A 104 -0.24 -8.06 27.28
N LEU A 105 0.81 -7.86 26.48
CA LEU A 105 1.55 -6.62 26.51
C LEU A 105 0.72 -5.46 25.95
N ASP A 106 -0.16 -5.75 24.98
CA ASP A 106 -0.92 -4.72 24.29
C ASP A 106 -1.86 -3.99 25.25
N ARG A 107 -1.97 -2.68 25.06
CA ARG A 107 -2.64 -1.82 26.01
C ARG A 107 -2.75 -0.39 25.46
N PRO A 108 -3.90 0.26 25.59
CA PRO A 108 -4.08 1.56 24.95
C PRO A 108 -3.09 2.59 25.47
N GLY A 109 -2.57 3.40 24.56
CA GLY A 109 -1.55 4.37 24.87
C GLY A 109 -0.14 3.85 24.84
N ARG A 110 0.05 2.57 24.48
CA ARG A 110 1.33 1.89 24.56
C ARG A 110 1.75 1.37 23.19
N LEU A 111 3.03 1.58 22.87
CA LEU A 111 3.66 1.09 21.65
C LEU A 111 4.44 -0.18 21.98
N THR A 112 3.98 -1.32 21.47
CA THR A 112 4.68 -2.59 21.65
C THR A 112 5.47 -2.90 20.37
N LEU A 113 6.79 -2.96 20.49
CA LEU A 113 7.66 -3.33 19.40
C LEU A 113 8.01 -4.82 19.51
N VAL A 114 7.96 -5.51 18.38
CA VAL A 114 8.13 -6.95 18.34
C VAL A 114 9.25 -7.24 17.35
N GLU A 115 10.48 -7.42 17.86
CA GLU A 115 11.60 -7.83 17.02
C GLU A 115 11.56 -9.34 16.81
N GLY A 116 11.51 -9.76 15.55
CA GLY A 116 11.59 -11.16 15.20
C GLY A 116 13.04 -11.64 15.15
N ALA A 117 13.20 -12.88 14.69
CA ALA A 117 14.53 -13.50 14.62
C ALA A 117 15.02 -13.44 13.18
N GLY A 118 15.67 -12.32 12.83
CA GLY A 118 16.33 -12.19 11.54
C GLY A 118 15.39 -11.63 10.49
N GLY A 119 15.32 -12.31 9.31
CA GLY A 119 14.49 -11.82 8.22
C GLY A 119 13.03 -12.22 8.34
N LEU A 120 12.17 -11.47 7.62
CA LEU A 120 10.73 -11.63 7.70
C LEU A 120 10.25 -13.10 7.64
N LEU A 121 10.79 -13.92 6.76
CA LEU A 121 10.24 -15.26 6.56
C LEU A 121 10.98 -16.32 7.34
N VAL A 122 11.64 -15.95 8.44
CA VAL A 122 12.28 -16.95 9.28
C VAL A 122 11.21 -17.66 10.11
N GLU A 123 11.25 -18.99 10.09
CA GLU A 123 10.28 -19.76 10.85
C GLU A 123 10.43 -19.51 12.35
N LEU A 124 9.34 -19.13 13.00
CA LEU A 124 9.37 -18.77 14.41
C LEU A 124 8.59 -19.72 15.28
N ALA A 125 7.65 -20.44 14.69
CA ALA A 125 6.77 -21.33 15.42
C ALA A 125 6.43 -22.47 14.47
N GLU A 126 6.16 -23.63 15.05
CA GLU A 126 5.78 -24.80 14.26
C GLU A 126 4.34 -24.65 13.78
N PRO A 127 4.06 -24.87 12.48
CA PRO A 127 4.98 -25.18 11.39
C PRO A 127 5.06 -24.06 10.35
N GLY A 128 6.27 -23.63 10.05
CA GLY A 128 6.42 -22.57 9.07
C GLY A 128 5.80 -21.25 9.47
N VAL A 129 5.46 -21.08 10.73
CA VAL A 129 4.86 -19.82 11.19
C VAL A 129 5.96 -18.79 11.28
N THR A 130 5.78 -17.66 10.59
CA THR A 130 6.79 -16.59 10.54
C THR A 130 6.25 -15.33 11.23
N LEU A 131 7.12 -14.33 11.35
CA LEU A 131 6.68 -13.06 11.93
C LEU A 131 5.55 -12.47 11.10
N ARG A 132 5.53 -12.74 9.80
CA ARG A 132 4.46 -12.18 8.96
C ARG A 132 3.10 -12.76 9.32
N ASP A 133 3.03 -14.08 9.57
CA ASP A 133 1.80 -14.67 10.09
C ASP A 133 1.41 -14.01 11.42
N VAL A 134 2.39 -13.83 12.30
CA VAL A 134 2.13 -13.23 13.61
C VAL A 134 1.63 -11.80 13.47
N ALA A 135 2.10 -11.09 12.45
CA ALA A 135 1.64 -9.71 12.28
C ALA A 135 0.18 -9.68 11.87
N VAL A 136 -0.22 -10.66 11.05
CA VAL A 136 -1.65 -10.80 10.72
C VAL A 136 -2.46 -10.98 11.99
N ASP A 137 -2.02 -11.92 12.84
CA ASP A 137 -2.80 -12.34 13.99
C ASP A 137 -3.06 -11.19 14.96
N VAL A 138 -2.07 -10.34 15.19
CA VAL A 138 -2.22 -9.22 16.11
C VAL A 138 -2.52 -7.92 15.39
N ALA A 139 -2.79 -7.97 14.08
CA ALA A 139 -3.15 -6.78 13.29
C ALA A 139 -2.07 -5.69 13.35
N ALA A 140 -0.81 -6.11 13.30
CA ALA A 140 0.30 -5.18 13.43
C ALA A 140 0.82 -4.77 12.07
N ALA A 141 1.23 -3.52 11.95
CA ALA A 141 2.04 -3.10 10.83
C ALA A 141 3.50 -3.47 11.09
N ALA A 142 4.24 -3.72 10.01
CA ALA A 142 5.64 -4.08 10.10
C ALA A 142 6.50 -2.89 9.71
N LEU A 143 7.49 -2.59 10.54
CA LEU A 143 8.56 -1.67 10.18
C LEU A 143 9.80 -2.46 9.77
N VAL A 144 10.31 -2.17 8.57
CA VAL A 144 11.33 -2.98 7.91
C VAL A 144 12.68 -2.28 8.00
N VAL A 145 13.65 -2.92 8.62
CA VAL A 145 14.99 -2.34 8.75
C VAL A 145 15.84 -2.79 7.58
N VAL A 146 16.55 -1.82 6.97
CA VAL A 146 17.27 -2.01 5.72
C VAL A 146 18.71 -1.57 5.90
N THR A 147 19.55 -1.89 4.92
CA THR A 147 20.91 -1.40 4.82
C THR A 147 21.01 -0.44 3.65
N ALA A 148 22.17 0.20 3.52
CA ALA A 148 22.44 0.99 2.34
C ALA A 148 23.34 0.26 1.34
N ASP A 149 23.93 -0.85 1.74
CA ASP A 149 24.88 -1.56 0.91
C ASP A 149 24.23 -2.09 -0.37
N LEU A 150 25.08 -2.33 -1.35
CA LEU A 150 24.66 -2.97 -2.59
C LEU A 150 23.78 -4.18 -2.28
N GLY A 151 22.79 -4.41 -3.14
CA GLY A 151 21.88 -5.52 -2.96
C GLY A 151 20.67 -5.22 -2.13
N THR A 152 20.58 -4.01 -1.55
CA THR A 152 19.51 -3.74 -0.59
C THR A 152 18.19 -3.46 -1.26
N LEU A 153 18.20 -2.87 -2.47
CA LEU A 153 16.92 -2.53 -3.12
C LEU A 153 16.15 -3.80 -3.46
N ASN A 154 16.83 -4.79 -4.03
CA ASN A 154 16.18 -6.07 -4.29
C ASN A 154 15.61 -6.65 -2.98
N HIS A 155 16.44 -6.76 -1.94
CA HIS A 155 16.03 -7.41 -0.69
C HIS A 155 14.80 -6.74 -0.09
N THR A 156 14.80 -5.41 -0.07
CA THR A 156 13.68 -4.63 0.42
C THR A 156 12.43 -4.88 -0.40
N LYS A 157 12.51 -4.63 -1.70
CA LYS A 157 11.39 -4.93 -2.58
C LYS A 157 10.83 -6.33 -2.33
N LEU A 158 11.72 -7.32 -2.18
CA LEU A 158 11.23 -8.68 -1.89
C LEU A 158 10.48 -8.71 -0.57
N THR A 159 10.98 -7.98 0.43
CA THR A 159 10.35 -7.97 1.75
C THR A 159 8.99 -7.30 1.70
N LEU A 160 8.87 -6.19 0.97
CA LEU A 160 7.58 -5.49 0.91
C LEU A 160 6.56 -6.29 0.12
N GLU A 161 6.98 -6.87 -1.01
CA GLU A 161 6.10 -7.79 -1.72
C GLU A 161 5.60 -8.90 -0.80
N ALA A 162 6.42 -9.33 0.16
CA ALA A 162 5.99 -10.38 1.07
C ALA A 162 5.02 -9.85 2.13
N LEU A 163 5.23 -8.62 2.59
CA LEU A 163 4.29 -8.02 3.53
C LEU A 163 2.93 -7.79 2.89
N ALA A 164 2.89 -7.58 1.58
CA ALA A 164 1.63 -7.33 0.89
C ALA A 164 0.83 -8.60 0.63
N ALA A 165 1.49 -9.75 0.47
CA ALA A 165 0.78 -10.99 0.16
C ALA A 165 -0.22 -11.36 1.23
N GLN A 166 -0.02 -10.93 2.47
CA GLN A 166 -0.98 -11.15 3.56
C GLN A 166 -1.59 -9.84 4.05
N GLN A 167 -1.49 -8.77 3.27
N GLN A 167 -1.49 -8.78 3.26
CA GLN A 167 -2.04 -7.47 3.65
CA GLN A 167 -1.99 -7.45 3.61
C GLN A 167 -1.55 -7.03 5.03
C GLN A 167 -1.55 -7.06 5.02
N VAL A 168 -0.23 -6.97 5.18
CA VAL A 168 0.40 -6.45 6.39
C VAL A 168 0.97 -5.10 6.02
N SER A 169 0.42 -4.04 6.59
CA SER A 169 0.82 -2.71 6.18
C SER A 169 2.30 -2.50 6.49
N CYS A 170 2.95 -1.70 5.65
CA CYS A 170 4.34 -1.30 5.88
C CYS A 170 4.34 0.01 6.62
N ALA A 171 4.80 -0.03 7.87
CA ALA A 171 5.04 1.20 8.60
C ALA A 171 6.08 2.08 7.91
N GLY A 172 6.82 1.52 6.96
CA GLY A 172 7.98 2.16 6.37
C GLY A 172 9.26 1.44 6.71
N LEU A 173 10.36 2.00 6.21
CA LEU A 173 11.70 1.49 6.39
C LEU A 173 12.52 2.40 7.28
N VAL A 174 13.46 1.80 8.01
CA VAL A 174 14.52 2.51 8.70
C VAL A 174 15.85 2.04 8.13
N ILE A 175 16.72 2.97 7.75
CA ILE A 175 18.07 2.59 7.36
C ILE A 175 18.84 2.28 8.64
N GLY A 176 19.11 1.00 8.86
CA GLY A 176 19.73 0.56 10.09
C GLY A 176 21.05 1.22 10.42
N SER A 177 22.01 1.17 9.49
CA SER A 177 23.33 1.74 9.70
C SER A 177 23.62 2.74 8.59
N TRP A 178 23.73 4.00 8.95
CA TRP A 178 24.04 4.99 7.92
C TRP A 178 25.49 5.39 8.06
N PRO A 179 26.34 5.08 7.06
CA PRO A 179 27.75 5.46 7.15
C PRO A 179 27.93 6.96 7.03
N ASP A 180 29.01 7.44 7.64
CA ASP A 180 29.44 8.83 7.52
C ASP A 180 30.91 8.85 7.16
N PRO A 181 31.28 9.34 5.98
CA PRO A 181 30.38 9.84 4.93
C PRO A 181 29.80 8.70 4.10
N PRO A 182 28.67 8.94 3.43
CA PRO A 182 28.11 7.90 2.56
C PRO A 182 28.78 7.89 1.19
N GLY A 183 29.20 6.69 0.75
CA GLY A 183 29.75 6.54 -0.58
C GLY A 183 28.67 6.56 -1.64
N LEU A 184 29.12 6.53 -2.90
CA LEU A 184 28.21 6.75 -4.02
C LEU A 184 27.07 5.75 -4.03
N VAL A 185 27.38 4.46 -3.81
CA VAL A 185 26.34 3.45 -3.71
C VAL A 185 25.37 3.79 -2.58
N ALA A 186 25.90 4.08 -1.39
CA ALA A 186 25.03 4.36 -0.25
C ALA A 186 24.08 5.51 -0.52
N ALA A 187 24.57 6.61 -1.09
CA ALA A 187 23.67 7.74 -1.30
C ALA A 187 22.59 7.39 -2.30
N SER A 188 22.95 6.73 -3.40
CA SER A 188 21.98 6.38 -4.42
C SER A 188 20.86 5.53 -3.82
N ASN A 189 21.23 4.39 -3.24
CA ASN A 189 20.25 3.54 -2.60
C ASN A 189 19.35 4.32 -1.62
N ARG A 190 19.92 5.22 -0.84
CA ARG A 190 19.07 6.04 0.03
C ARG A 190 17.99 6.76 -0.76
N SER A 191 18.35 7.33 -1.90
N SER A 191 18.35 7.32 -1.91
CA SER A 191 17.33 7.96 -2.73
CA SER A 191 17.36 7.97 -2.75
C SER A 191 16.39 6.91 -3.31
C SER A 191 16.42 6.94 -3.38
N ALA A 192 16.93 5.78 -3.74
CA ALA A 192 16.08 4.79 -4.40
C ALA A 192 15.08 4.19 -3.42
N LEU A 193 15.48 3.91 -2.18
CA LEU A 193 14.54 3.32 -1.22
C LEU A 193 13.46 4.31 -0.84
N ALA A 194 13.81 5.59 -0.76
CA ALA A 194 12.81 6.62 -0.49
C ALA A 194 11.72 6.65 -1.54
N ARG A 195 12.02 6.19 -2.76
CA ARG A 195 10.99 5.96 -3.77
C ARG A 195 10.22 4.67 -3.56
N ILE A 196 10.75 3.74 -2.78
CA ILE A 196 10.06 2.46 -2.60
C ILE A 196 9.10 2.52 -1.41
N ALA A 197 9.43 3.33 -0.40
CA ALA A 197 8.62 3.45 0.80
C ALA A 197 9.10 4.66 1.57
N MET A 198 8.23 5.15 2.46
CA MET A 198 8.59 6.16 3.43
C MET A 198 9.80 5.70 4.24
N VAL A 199 10.89 6.45 4.17
CA VAL A 199 12.06 6.20 5.01
C VAL A 199 11.87 6.98 6.30
N ARG A 200 11.75 6.24 7.43
CA ARG A 200 11.43 6.83 8.72
C ARG A 200 12.65 7.43 9.41
N ALA A 201 13.81 6.84 9.23
CA ALA A 201 15.03 7.34 9.83
C ALA A 201 16.20 6.55 9.26
N ALA A 202 17.39 7.07 9.49
CA ALA A 202 18.64 6.46 9.05
C ALA A 202 19.59 6.56 10.23
N LEU A 203 19.69 5.47 10.99
CA LEU A 203 20.44 5.51 12.25
C LEU A 203 21.94 5.57 11.96
N PRO A 204 22.65 6.59 12.45
CA PRO A 204 24.08 6.70 12.18
C PRO A 204 24.85 5.49 12.69
N ALA A 205 25.78 5.03 11.84
CA ALA A 205 26.54 3.83 12.11
C ALA A 205 27.19 3.87 13.49
N GLY A 206 27.29 2.69 14.11
CA GLY A 206 27.95 2.55 15.40
C GLY A 206 27.20 3.12 16.59
N ALA A 207 25.91 3.44 16.43
CA ALA A 207 25.16 4.05 17.51
C ALA A 207 25.09 3.16 18.75
N ALA A 208 25.33 1.86 18.60
CA ALA A 208 25.35 0.98 19.77
C ALA A 208 26.53 1.26 20.70
N SER A 209 27.42 2.19 20.36
N SER A 209 27.43 2.18 20.34
CA SER A 209 28.49 2.61 21.25
CA SER A 209 28.49 2.62 21.21
C SER A 209 28.26 4.01 21.81
C SER A 209 28.17 3.93 21.93
N LEU A 210 27.12 4.63 21.52
CA LEU A 210 26.70 5.85 22.18
C LEU A 210 26.18 5.52 23.58
N ASP A 211 26.33 6.47 24.51
CA ASP A 211 25.85 6.25 25.86
C ASP A 211 24.40 6.70 25.97
N ALA A 212 23.81 6.48 27.15
CA ALA A 212 22.40 6.73 27.39
C ALA A 212 21.93 8.06 26.82
N GLY A 213 22.56 9.16 27.25
CA GLY A 213 22.15 10.46 26.75
C GLY A 213 22.43 10.65 25.28
N ASP A 214 23.58 10.17 24.81
CA ASP A 214 23.91 10.31 23.40
C ASP A 214 22.91 9.55 22.55
N PHE A 215 22.71 8.27 22.88
CA PHE A 215 21.75 7.45 22.14
C PHE A 215 20.37 8.09 22.13
N ALA A 216 19.98 8.75 23.22
CA ALA A 216 18.65 9.36 23.25
C ALA A 216 18.59 10.61 22.39
N ALA A 217 19.66 11.42 22.41
CA ALA A 217 19.76 12.56 21.51
C ALA A 217 19.71 12.09 20.06
N MET A 218 20.58 11.14 19.71
CA MET A 218 20.54 10.52 18.39
C MET A 218 19.14 10.02 18.05
N SER A 219 18.47 9.42 19.03
CA SER A 219 17.18 8.79 18.75
C SER A 219 16.10 9.82 18.51
N ALA A 220 16.06 10.87 19.33
CA ALA A 220 15.11 11.94 19.10
C ALA A 220 15.34 12.62 17.76
N ALA A 221 16.61 12.70 17.34
CA ALA A 221 16.92 13.27 16.03
C ALA A 221 16.50 12.35 14.90
N ALA A 222 16.71 11.04 15.06
CA ALA A 222 16.55 10.12 13.94
C ALA A 222 15.15 10.18 13.35
N PHE A 223 14.12 10.23 14.20
CA PHE A 223 12.74 10.10 13.75
C PHE A 223 12.02 11.44 13.74
N ASP A 224 11.02 11.53 12.86
CA ASP A 224 10.11 12.66 12.83
C ASP A 224 9.21 12.60 14.05
N ARG A 225 9.20 13.67 14.85
CA ARG A 225 8.33 13.71 16.02
C ARG A 225 6.90 13.33 15.65
N ASN A 226 6.35 13.98 14.61
CA ASN A 226 4.95 13.78 14.27
C ASN A 226 4.65 12.35 13.81
N TRP A 227 5.61 11.67 13.19
CA TRP A 227 5.38 10.26 12.88
C TRP A 227 5.26 9.46 14.17
N VAL A 228 6.21 9.64 15.09
CA VAL A 228 6.24 8.87 16.33
C VAL A 228 4.95 9.09 17.12
N ALA A 229 4.67 10.35 17.46
CA ALA A 229 3.46 10.66 18.24
C ALA A 229 2.20 10.17 17.54
N GLY A 230 2.17 10.24 16.21
CA GLY A 230 1.07 9.68 15.45
C GLY A 230 0.94 8.17 15.53
N LEU A 231 1.90 7.46 16.13
CA LEU A 231 1.82 6.00 16.11
C LEU A 231 0.84 5.47 17.15
N VAL A 232 0.61 6.23 18.22
CA VAL A 232 -0.24 5.81 19.33
C VAL A 232 -1.08 7.03 19.73
N GLY A 233 -2.39 6.84 19.82
CA GLY A 233 -3.30 7.91 20.15
C GLY A 233 -4.14 7.61 21.38
N GLY B 7 11.34 -23.62 -30.41
CA GLY B 7 12.24 -23.19 -29.35
C GLY B 7 12.91 -24.33 -28.59
N GLY B 8 13.75 -23.95 -27.63
CA GLY B 8 14.40 -24.89 -26.73
C GLY B 8 14.13 -24.56 -25.26
N THR B 9 15.16 -24.64 -24.42
CA THR B 9 15.03 -24.38 -22.99
C THR B 9 15.72 -23.07 -22.61
N ILE B 10 14.99 -22.24 -21.88
CA ILE B 10 15.52 -20.99 -21.34
C ILE B 10 15.40 -21.05 -19.82
N LEU B 11 16.54 -21.11 -19.13
CA LEU B 11 16.58 -20.83 -17.70
C LEU B 11 17.10 -19.41 -17.44
N VAL B 12 16.44 -18.69 -16.55
CA VAL B 12 17.09 -17.52 -15.96
C VAL B 12 17.82 -17.94 -14.70
N VAL B 13 19.02 -17.42 -14.50
CA VAL B 13 19.84 -17.76 -13.34
C VAL B 13 19.91 -16.53 -12.45
N THR B 14 19.07 -16.51 -11.43
CA THR B 14 18.96 -15.39 -10.50
C THR B 14 19.59 -15.80 -9.17
N GLY B 15 19.62 -14.87 -8.22
CA GLY B 15 20.24 -15.14 -6.93
C GLY B 15 19.47 -14.51 -5.80
N THR B 16 19.70 -15.04 -4.61
CA THR B 16 19.12 -14.39 -3.43
C THR B 16 19.81 -13.10 -3.10
N GLY B 17 20.76 -12.68 -3.92
CA GLY B 17 21.43 -11.42 -3.70
C GLY B 17 22.58 -11.25 -4.67
N THR B 18 23.55 -10.43 -4.29
CA THR B 18 24.71 -10.16 -5.11
C THR B 18 25.92 -10.93 -4.60
N GLY B 19 26.82 -11.25 -5.53
CA GLY B 19 28.02 -11.95 -5.10
C GLY B 19 27.78 -13.37 -4.61
N VAL B 20 26.59 -13.92 -4.81
CA VAL B 20 26.29 -15.27 -4.34
C VAL B 20 26.89 -16.35 -5.22
N GLY B 21 27.50 -15.98 -6.34
CA GLY B 21 28.02 -16.92 -7.29
C GLY B 21 27.16 -17.16 -8.51
N LYS B 22 26.42 -16.13 -8.96
CA LYS B 22 25.55 -16.29 -10.13
C LYS B 22 26.37 -16.64 -11.35
N THR B 23 27.49 -15.95 -11.53
CA THR B 23 28.22 -16.07 -12.79
C THR B 23 28.84 -17.46 -12.95
N VAL B 24 29.45 -18.00 -11.89
CA VAL B 24 30.16 -19.28 -11.98
C VAL B 24 29.18 -20.43 -11.94
N VAL B 25 27.95 -20.18 -11.50
CA VAL B 25 26.93 -21.20 -11.68
C VAL B 25 26.49 -21.25 -13.14
N CYS B 26 26.24 -20.08 -13.75
CA CYS B 26 26.05 -20.06 -15.20
C CYS B 26 27.11 -20.92 -15.88
N ALA B 27 28.40 -20.69 -15.57
CA ALA B 27 29.47 -21.47 -16.21
C ALA B 27 29.39 -22.95 -15.87
N ALA B 28 29.18 -23.29 -14.58
CA ALA B 28 29.20 -24.72 -14.26
C ALA B 28 28.03 -25.46 -14.89
N LEU B 29 26.86 -24.84 -14.93
CA LEU B 29 25.73 -25.46 -15.62
C LEU B 29 25.98 -25.54 -17.12
N ALA B 30 26.51 -24.46 -17.71
CA ALA B 30 26.89 -24.50 -19.12
C ALA B 30 27.92 -25.59 -19.39
N SER B 31 28.92 -25.71 -18.52
CA SER B 31 29.94 -26.75 -18.69
C SER B 31 29.33 -28.14 -18.64
N ALA B 32 28.35 -28.34 -17.75
CA ALA B 32 27.75 -29.65 -17.60
C ALA B 32 26.89 -30.01 -18.79
N ALA B 33 26.15 -29.02 -19.33
CA ALA B 33 25.31 -29.27 -20.49
C ALA B 33 26.16 -29.63 -21.72
N ARG B 34 27.21 -28.86 -21.99
CA ARG B 34 28.09 -29.16 -23.12
C ARG B 34 28.65 -30.57 -23.05
N GLN B 35 29.03 -31.03 -21.85
CA GLN B 35 29.56 -32.38 -21.73
C GLN B 35 28.46 -33.42 -21.90
N ALA B 36 27.21 -33.01 -21.75
CA ALA B 36 26.04 -33.78 -22.15
C ALA B 36 25.67 -33.53 -23.60
N GLY B 37 26.57 -32.99 -24.41
CA GLY B 37 26.28 -32.79 -25.81
C GLY B 37 25.21 -31.77 -26.10
N ILE B 38 24.96 -30.88 -25.18
CA ILE B 38 23.93 -29.86 -25.35
C ILE B 38 24.62 -28.58 -25.79
N ASP B 39 23.93 -27.81 -26.62
CA ASP B 39 24.45 -26.54 -27.08
C ASP B 39 23.94 -25.45 -26.15
N VAL B 40 24.85 -24.64 -25.63
CA VAL B 40 24.54 -23.72 -24.56
C VAL B 40 24.81 -22.30 -25.02
N ALA B 41 23.96 -21.39 -24.60
CA ALA B 41 24.12 -19.97 -24.84
C ALA B 41 23.89 -19.25 -23.52
N VAL B 42 24.68 -18.21 -23.25
CA VAL B 42 24.51 -17.41 -22.02
C VAL B 42 24.30 -15.96 -22.42
N CYS B 43 23.15 -15.43 -22.04
CA CYS B 43 22.88 -14.02 -22.19
C CYS B 43 23.09 -13.33 -20.85
N LYS B 44 23.59 -12.09 -20.91
CA LYS B 44 23.76 -11.26 -19.72
C LYS B 44 23.49 -9.86 -20.26
N PRO B 45 22.24 -9.39 -20.17
CA PRO B 45 21.84 -8.21 -20.94
C PRO B 45 22.62 -6.99 -20.52
N VAL B 46 22.67 -6.72 -19.22
CA VAL B 46 23.34 -5.60 -18.59
C VAL B 46 24.51 -6.09 -17.77
N GLN B 47 25.57 -5.30 -17.78
CA GLN B 47 26.80 -5.52 -17.05
C GLN B 47 27.23 -4.21 -16.40
N THR B 48 27.35 -4.15 -15.08
CA THR B 48 27.95 -2.96 -14.50
C THR B 48 29.36 -3.28 -14.04
N GLY B 49 30.03 -2.25 -13.50
CA GLY B 49 31.37 -2.39 -13.00
C GLY B 49 32.44 -2.63 -14.04
N THR B 50 32.24 -2.15 -15.27
CA THR B 50 33.21 -2.46 -16.32
C THR B 50 34.48 -1.65 -16.19
N ALA B 51 34.46 -0.58 -15.39
CA ALA B 51 35.68 0.21 -15.18
C ALA B 51 36.78 -0.63 -14.56
N ARG B 52 36.44 -1.39 -13.51
CA ARG B 52 37.41 -2.28 -12.88
C ARG B 52 37.52 -3.62 -13.58
N GLY B 53 36.88 -3.78 -14.74
CA GLY B 53 37.03 -4.99 -15.51
C GLY B 53 36.02 -6.09 -15.24
N ASP B 54 34.82 -5.74 -14.78
CA ASP B 54 33.77 -6.74 -14.65
C ASP B 54 33.30 -7.20 -16.03
N ASP B 55 33.19 -8.52 -16.20
CA ASP B 55 32.81 -9.11 -17.48
C ASP B 55 32.37 -10.54 -17.24
N ASP B 56 31.12 -10.72 -16.79
CA ASP B 56 30.67 -12.06 -16.44
C ASP B 56 30.64 -12.96 -17.67
N LEU B 57 30.42 -12.39 -18.86
CA LEU B 57 30.33 -13.21 -20.06
C LEU B 57 31.67 -13.80 -20.43
N ALA B 58 32.75 -13.00 -20.30
CA ALA B 58 34.09 -13.53 -20.56
C ALA B 58 34.44 -14.66 -19.61
N GLU B 59 33.97 -14.58 -18.37
CA GLU B 59 34.26 -15.62 -17.40
C GLU B 59 33.57 -16.93 -17.77
N VAL B 60 32.32 -16.85 -18.22
CA VAL B 60 31.64 -18.05 -18.72
C VAL B 60 32.40 -18.65 -19.88
N GLY B 61 32.97 -17.79 -20.74
CA GLY B 61 33.67 -18.30 -21.90
C GLY B 61 34.96 -18.99 -21.52
N ARG B 62 35.70 -18.42 -20.57
CA ARG B 62 36.94 -19.03 -20.14
C ARG B 62 36.69 -20.35 -19.42
N LEU B 63 35.64 -20.42 -18.63
CA LEU B 63 35.43 -21.54 -17.71
C LEU B 63 34.69 -22.70 -18.37
N ALA B 64 33.67 -22.39 -19.17
CA ALA B 64 32.84 -23.39 -19.83
C ALA B 64 33.06 -23.48 -21.33
N GLY B 65 33.75 -22.53 -21.94
CA GLY B 65 33.96 -22.55 -23.37
C GLY B 65 32.78 -22.12 -24.21
N VAL B 66 31.73 -21.56 -23.59
CA VAL B 66 30.64 -21.01 -24.36
C VAL B 66 31.18 -19.96 -25.33
N THR B 67 30.64 -19.96 -26.55
CA THR B 67 30.93 -18.91 -27.51
C THR B 67 29.74 -18.02 -27.83
N GLN B 68 28.53 -18.52 -27.60
CA GLN B 68 27.29 -17.76 -27.82
C GLN B 68 27.02 -17.00 -26.54
N LEU B 69 27.52 -15.78 -26.50
CA LEU B 69 27.66 -14.97 -25.29
C LEU B 69 27.20 -13.57 -25.63
N ALA B 70 25.96 -13.25 -25.24
CA ALA B 70 25.24 -12.11 -25.75
C ALA B 70 24.98 -11.11 -24.63
N GLY B 71 25.09 -9.81 -24.96
CA GLY B 71 24.83 -8.75 -24.00
C GLY B 71 24.58 -7.41 -24.69
N LEU B 72 23.92 -6.50 -23.95
CA LEU B 72 23.34 -5.31 -24.57
C LEU B 72 23.89 -3.99 -24.07
N ALA B 73 24.23 -3.85 -22.79
CA ALA B 73 24.97 -2.68 -22.37
C ALA B 73 26.03 -3.06 -21.36
N ARG B 74 26.88 -2.07 -21.06
CA ARG B 74 28.02 -2.16 -20.16
C ARG B 74 28.19 -0.81 -19.46
N TYR B 75 27.96 -0.75 -18.17
CA TYR B 75 28.20 0.53 -17.51
C TYR B 75 29.45 0.45 -16.66
N PRO B 76 30.26 1.52 -16.66
CA PRO B 76 31.50 1.50 -15.86
C PRO B 76 31.29 1.32 -14.36
N GLN B 77 30.33 2.03 -13.76
CA GLN B 77 30.22 2.01 -12.30
C GLN B 77 29.79 0.64 -11.80
N PRO B 78 30.39 0.16 -10.71
CA PRO B 78 29.94 -1.11 -10.09
C PRO B 78 28.72 -0.90 -9.19
N MET B 79 27.65 -0.37 -9.75
CA MET B 79 26.42 -0.14 -9.02
C MET B 79 25.33 -1.05 -9.58
N ALA B 80 24.11 -0.94 -9.02
CA ALA B 80 22.99 -1.65 -9.60
C ALA B 80 22.55 -0.94 -10.88
N PRO B 81 22.24 -1.69 -11.96
CA PRO B 81 22.10 -1.11 -13.30
C PRO B 81 21.60 0.33 -13.37
N ALA B 82 20.41 0.58 -12.82
CA ALA B 82 19.78 1.88 -12.97
C ALA B 82 20.59 3.00 -12.32
N ALA B 83 21.30 2.70 -11.23
CA ALA B 83 22.20 3.68 -10.64
C ALA B 83 23.41 3.88 -11.53
N ALA B 84 23.96 2.78 -12.04
CA ALA B 84 25.08 2.85 -12.95
C ALA B 84 24.73 3.63 -14.21
N ALA B 85 23.47 3.52 -14.65
CA ALA B 85 23.00 4.29 -15.79
C ALA B 85 22.84 5.77 -15.45
N GLU B 86 22.07 6.03 -14.39
CA GLU B 86 21.93 7.39 -13.87
C GLU B 86 23.27 8.10 -13.77
N HIS B 87 24.30 7.39 -13.31
CA HIS B 87 25.61 8.00 -13.15
C HIS B 87 26.29 8.24 -14.50
N ALA B 88 26.07 7.36 -15.47
CA ALA B 88 26.69 7.54 -16.78
C ALA B 88 25.99 8.61 -17.61
N GLY B 89 24.68 8.77 -17.39
CA GLY B 89 23.88 9.65 -18.22
C GLY B 89 23.16 8.95 -19.35
N MET B 90 22.84 7.67 -19.19
CA MET B 90 22.40 6.86 -20.33
C MET B 90 21.39 5.83 -19.87
N ALA B 91 20.17 5.90 -20.41
CA ALA B 91 19.08 5.01 -20.03
C ALA B 91 19.47 3.55 -20.08
N LEU B 92 18.76 2.71 -19.35
CA LEU B 92 18.93 1.28 -19.52
C LEU B 92 18.43 0.89 -20.90
N PRO B 93 18.77 -0.30 -21.37
CA PRO B 93 18.10 -0.84 -22.54
C PRO B 93 16.60 -0.91 -22.29
N ALA B 94 15.86 -1.13 -23.37
CA ALA B 94 14.42 -1.25 -23.29
C ALA B 94 14.05 -2.72 -23.13
N ARG B 95 12.88 -2.93 -22.54
CA ARG B 95 12.41 -4.29 -22.26
C ARG B 95 12.42 -5.15 -23.51
N ASP B 96 12.07 -4.56 -24.65
CA ASP B 96 11.99 -5.32 -25.90
C ASP B 96 13.35 -5.86 -26.31
N GLN B 97 14.39 -4.99 -26.24
CA GLN B 97 15.76 -5.40 -26.51
C GLN B 97 16.11 -6.67 -25.76
N ILE B 98 15.83 -6.68 -24.46
CA ILE B 98 16.23 -7.80 -23.62
C ILE B 98 15.43 -9.05 -23.99
N VAL B 99 14.10 -8.94 -24.04
CA VAL B 99 13.28 -10.12 -24.33
C VAL B 99 13.65 -10.72 -25.68
N ARG B 100 13.72 -9.88 -26.73
CA ARG B 100 13.95 -10.39 -28.08
C ARG B 100 15.37 -10.92 -28.27
N LEU B 101 16.36 -10.28 -27.64
CA LEU B 101 17.69 -10.86 -27.66
C LEU B 101 17.66 -12.29 -27.13
N ILE B 102 17.00 -12.46 -25.99
CA ILE B 102 16.89 -13.77 -25.34
C ILE B 102 16.11 -14.74 -26.20
N ALA B 103 15.04 -14.28 -26.84
CA ALA B 103 14.22 -15.19 -27.65
C ALA B 103 14.91 -15.59 -28.95
N ASP B 104 15.67 -14.66 -29.57
CA ASP B 104 16.41 -15.04 -30.78
C ASP B 104 17.52 -16.03 -30.46
N LEU B 105 18.13 -15.91 -29.28
CA LEU B 105 19.06 -16.93 -28.83
C LEU B 105 18.38 -18.30 -28.78
N ASP B 106 17.14 -18.35 -28.29
CA ASP B 106 16.49 -19.63 -28.12
C ASP B 106 16.33 -20.33 -29.45
N ARG B 107 16.82 -21.55 -29.52
CA ARG B 107 16.59 -22.46 -30.64
C ARG B 107 16.45 -23.87 -30.06
N PRO B 108 15.83 -24.77 -30.80
CA PRO B 108 15.68 -26.14 -30.29
C PRO B 108 17.04 -26.79 -30.07
N GLY B 109 17.09 -27.67 -29.08
CA GLY B 109 18.33 -28.34 -28.73
C GLY B 109 19.30 -27.51 -27.92
N ARG B 110 18.98 -26.25 -27.65
CA ARG B 110 19.89 -25.36 -26.93
C ARG B 110 19.36 -25.08 -25.53
N LEU B 111 20.28 -25.00 -24.59
CA LEU B 111 20.00 -24.46 -23.26
C LEU B 111 20.43 -23.00 -23.24
N THR B 112 19.49 -22.08 -23.07
CA THR B 112 19.80 -20.65 -23.03
C THR B 112 19.71 -20.18 -21.59
N LEU B 113 20.87 -19.89 -20.99
CA LEU B 113 20.91 -19.36 -19.63
C LEU B 113 20.89 -17.84 -19.68
N VAL B 114 20.00 -17.23 -18.90
CA VAL B 114 19.97 -15.79 -18.77
C VAL B 114 20.44 -15.47 -17.36
N GLU B 115 21.36 -14.51 -17.27
CA GLU B 115 21.85 -14.03 -15.99
C GLU B 115 21.54 -12.56 -15.84
N GLY B 116 20.98 -12.21 -14.68
CA GLY B 116 20.60 -10.85 -14.40
C GLY B 116 21.71 -10.10 -13.71
N ALA B 117 21.38 -9.28 -12.73
CA ALA B 117 22.39 -8.43 -12.10
C ALA B 117 21.93 -8.19 -10.67
N GLY B 118 22.65 -8.75 -9.70
CA GLY B 118 22.10 -8.84 -8.35
C GLY B 118 20.98 -9.86 -8.27
N GLY B 119 19.95 -9.53 -7.49
CA GLY B 119 18.81 -10.40 -7.29
C GLY B 119 17.64 -10.12 -8.24
N LEU B 120 16.53 -10.78 -7.94
CA LEU B 120 15.43 -10.94 -8.88
C LEU B 120 14.74 -9.63 -9.20
N LEU B 121 14.59 -8.75 -8.21
CA LEU B 121 13.76 -7.58 -8.39
C LEU B 121 14.56 -6.34 -8.74
N VAL B 122 15.79 -6.49 -9.19
CA VAL B 122 16.54 -5.31 -9.58
C VAL B 122 16.05 -4.89 -10.96
N GLU B 123 15.93 -3.59 -11.15
CA GLU B 123 15.50 -3.07 -12.45
C GLU B 123 16.60 -3.31 -13.46
N LEU B 124 16.21 -3.88 -14.60
CA LEU B 124 17.15 -4.25 -15.66
C LEU B 124 16.97 -3.41 -16.91
N ALA B 125 15.80 -2.85 -17.12
CA ALA B 125 15.44 -2.08 -18.29
C ALA B 125 14.39 -1.06 -17.88
N GLU B 126 14.24 -0.02 -18.71
CA GLU B 126 13.25 1.03 -18.51
C GLU B 126 11.88 0.54 -18.98
N PRO B 127 10.81 0.79 -18.19
CA PRO B 127 10.81 1.44 -16.88
C PRO B 127 10.51 0.46 -15.73
N GLY B 128 11.53 0.10 -14.96
CA GLY B 128 11.32 -0.80 -13.84
C GLY B 128 11.11 -2.25 -14.18
N VAL B 129 11.51 -2.72 -15.36
CA VAL B 129 11.27 -4.11 -15.72
C VAL B 129 12.43 -4.96 -15.21
N THR B 130 12.09 -6.01 -14.46
CA THR B 130 13.07 -6.83 -13.76
C THR B 130 13.38 -8.11 -14.52
N LEU B 131 14.38 -8.82 -14.03
CA LEU B 131 14.62 -10.19 -14.45
C LEU B 131 13.33 -11.00 -14.41
N ARG B 132 12.49 -10.76 -13.41
CA ARG B 132 11.28 -11.55 -13.25
C ARG B 132 10.32 -11.32 -14.41
N ASP B 133 10.10 -10.05 -14.75
CA ASP B 133 9.31 -9.71 -15.93
C ASP B 133 9.79 -10.49 -17.15
N VAL B 134 11.04 -10.27 -17.55
CA VAL B 134 11.71 -11.02 -18.60
C VAL B 134 11.35 -12.50 -18.57
N ALA B 135 11.54 -13.13 -17.41
CA ALA B 135 11.27 -14.55 -17.29
C ALA B 135 9.85 -14.90 -17.66
N VAL B 136 8.91 -14.01 -17.35
CA VAL B 136 7.53 -14.23 -17.74
C VAL B 136 7.41 -14.21 -19.26
N ASP B 137 7.92 -13.15 -19.88
CA ASP B 137 7.71 -12.94 -21.31
C ASP B 137 8.31 -14.06 -22.15
N VAL B 138 9.43 -14.64 -21.74
CA VAL B 138 10.07 -15.69 -22.51
C VAL B 138 9.70 -17.08 -22.00
N ALA B 139 8.79 -17.17 -21.03
CA ALA B 139 8.34 -18.45 -20.47
C ALA B 139 9.51 -19.29 -19.95
N ALA B 140 10.46 -18.63 -19.30
CA ALA B 140 11.61 -19.28 -18.69
C ALA B 140 11.31 -19.70 -17.26
N ALA B 141 12.02 -20.71 -16.80
CA ALA B 141 12.05 -20.99 -15.39
C ALA B 141 13.23 -20.29 -14.74
N ALA B 142 13.21 -20.24 -13.42
CA ALA B 142 14.29 -19.64 -12.64
C ALA B 142 15.09 -20.71 -11.94
N LEU B 143 16.40 -20.66 -12.13
CA LEU B 143 17.34 -21.33 -11.26
C LEU B 143 17.82 -20.29 -10.25
N VAL B 144 17.63 -20.60 -8.99
CA VAL B 144 17.94 -19.67 -7.91
C VAL B 144 19.28 -20.07 -7.33
N VAL B 145 20.25 -19.17 -7.42
CA VAL B 145 21.54 -19.38 -6.81
C VAL B 145 21.49 -18.84 -5.38
N VAL B 146 21.98 -19.63 -4.43
CA VAL B 146 21.84 -19.29 -3.02
C VAL B 146 23.20 -19.40 -2.35
N THR B 147 23.27 -18.81 -1.17
CA THR B 147 24.43 -18.94 -0.31
C THR B 147 24.10 -19.91 0.78
N ALA B 148 25.11 -20.29 1.54
CA ALA B 148 24.92 -21.22 2.64
C ALA B 148 24.95 -20.54 4.00
N ASP B 149 25.13 -19.23 4.05
CA ASP B 149 25.34 -18.59 5.34
C ASP B 149 24.00 -18.30 6.02
N LEU B 150 24.07 -18.23 7.35
CA LEU B 150 23.00 -17.66 8.16
C LEU B 150 22.30 -16.55 7.40
N GLY B 151 20.98 -16.68 7.24
CA GLY B 151 20.22 -15.81 6.38
C GLY B 151 19.81 -16.41 5.04
N THR B 152 20.55 -17.41 4.54
CA THR B 152 20.15 -18.04 3.28
C THR B 152 18.65 -18.34 3.28
N LEU B 153 18.10 -18.70 4.44
CA LEU B 153 16.72 -19.20 4.50
C LEU B 153 15.68 -18.10 4.25
N ASN B 154 15.73 -17.01 5.01
CA ASN B 154 14.78 -15.94 4.73
C ASN B 154 14.91 -15.50 3.28
N HIS B 155 16.15 -15.39 2.81
CA HIS B 155 16.40 -14.91 1.45
C HIS B 155 15.90 -15.89 0.39
N THR B 156 16.23 -17.19 0.52
CA THR B 156 15.65 -18.15 -0.42
C THR B 156 14.12 -18.06 -0.44
N LYS B 157 13.50 -18.00 0.74
CA LYS B 157 12.04 -18.04 0.78
C LYS B 157 11.43 -16.80 0.15
N LEU B 158 11.99 -15.63 0.42
CA LEU B 158 11.52 -14.43 -0.26
C LEU B 158 11.51 -14.63 -1.76
N THR B 159 12.61 -15.15 -2.32
CA THR B 159 12.77 -15.16 -3.76
C THR B 159 11.83 -16.16 -4.41
N LEU B 160 11.79 -17.39 -3.88
CA LEU B 160 10.84 -18.39 -4.35
C LEU B 160 9.40 -17.89 -4.32
N GLU B 161 9.08 -17.00 -3.38
CA GLU B 161 7.73 -16.44 -3.35
C GLU B 161 7.51 -15.48 -4.50
N ALA B 162 8.25 -14.36 -4.51
CA ALA B 162 8.41 -13.45 -5.64
C ALA B 162 8.21 -14.12 -6.98
N LEU B 163 8.88 -15.27 -7.15
CA LEU B 163 8.82 -15.99 -8.41
C LEU B 163 7.41 -16.49 -8.64
N ALA B 164 6.95 -17.36 -7.73
CA ALA B 164 5.63 -17.96 -7.82
C ALA B 164 4.53 -16.91 -7.94
N ALA B 165 4.75 -15.72 -7.38
CA ALA B 165 3.76 -14.66 -7.50
C ALA B 165 3.40 -14.41 -8.96
N GLN B 166 4.40 -14.26 -9.82
CA GLN B 166 4.18 -14.08 -11.25
C GLN B 166 4.18 -15.41 -11.99
N GLN B 167 4.03 -16.51 -11.27
CA GLN B 167 3.94 -17.86 -11.85
C GLN B 167 5.17 -18.20 -12.71
N VAL B 168 6.34 -17.71 -12.29
CA VAL B 168 7.61 -18.12 -12.86
C VAL B 168 8.09 -19.37 -12.12
N SER B 169 8.16 -20.48 -12.85
CA SER B 169 8.50 -21.75 -12.22
C SER B 169 9.92 -21.70 -11.66
N CYS B 170 10.15 -22.49 -10.61
CA CYS B 170 11.46 -22.62 -9.99
C CYS B 170 12.06 -23.95 -10.39
N ALA B 171 13.11 -23.91 -11.20
CA ALA B 171 13.80 -25.14 -11.58
C ALA B 171 14.79 -25.59 -10.54
N GLY B 172 14.91 -24.88 -9.43
CA GLY B 172 15.77 -25.35 -8.38
C GLY B 172 16.72 -24.34 -7.78
N LEU B 173 17.45 -24.82 -6.77
CA LEU B 173 18.48 -24.04 -6.10
C LEU B 173 19.85 -24.64 -6.39
N VAL B 174 20.83 -23.76 -6.50
CA VAL B 174 22.24 -24.10 -6.46
C VAL B 174 22.87 -23.26 -5.37
N ILE B 175 23.71 -23.89 -4.55
CA ILE B 175 24.49 -23.14 -3.58
C ILE B 175 25.69 -22.55 -4.32
N GLY B 176 25.69 -21.22 -4.49
CA GLY B 176 26.78 -20.57 -5.19
C GLY B 176 28.13 -21.10 -4.78
N SER B 177 28.44 -20.97 -3.50
CA SER B 177 29.74 -21.37 -2.96
C SER B 177 29.56 -22.21 -1.71
N TRP B 178 30.11 -23.49 -1.74
CA TRP B 178 30.23 -24.34 -0.55
C TRP B 178 31.55 -24.05 0.13
N PRO B 179 31.56 -23.82 1.43
CA PRO B 179 32.82 -23.57 2.14
C PRO B 179 33.48 -24.85 2.61
N ASP B 180 34.81 -24.78 2.72
CA ASP B 180 35.63 -25.87 3.26
C ASP B 180 36.41 -25.38 4.47
N PRO B 181 36.24 -26.01 5.64
CA PRO B 181 35.19 -27.01 5.90
C PRO B 181 33.85 -26.32 6.14
N PRO B 182 32.74 -27.05 5.92
CA PRO B 182 31.41 -26.42 5.99
C PRO B 182 31.18 -25.55 7.22
N GLY B 183 31.00 -26.19 8.36
CA GLY B 183 30.58 -25.49 9.55
C GLY B 183 29.13 -25.74 9.88
N LEU B 184 28.79 -25.48 11.15
CA LEU B 184 27.48 -25.81 11.69
C LEU B 184 26.34 -25.17 10.88
N VAL B 185 26.42 -23.84 10.66
CA VAL B 185 25.39 -23.15 9.88
C VAL B 185 25.23 -23.80 8.51
N ALA B 186 26.31 -23.75 7.70
CA ALA B 186 26.28 -24.28 6.34
C ALA B 186 25.73 -25.71 6.27
N ALA B 187 26.18 -26.58 7.16
CA ALA B 187 25.71 -27.96 7.06
C ALA B 187 24.22 -28.06 7.38
N SER B 188 23.78 -27.30 8.40
CA SER B 188 22.36 -27.27 8.72
C SER B 188 21.56 -26.74 7.54
N ASN B 189 21.98 -25.58 7.02
CA ASN B 189 21.23 -24.89 5.98
C ASN B 189 21.15 -25.73 4.71
N ARG B 190 22.25 -26.36 4.32
CA ARG B 190 22.17 -27.28 3.19
C ARG B 190 21.00 -28.25 3.33
N SER B 191 20.66 -28.63 4.56
N SER B 191 20.65 -28.62 4.56
CA SER B 191 19.51 -29.51 4.78
CA SER B 191 19.52 -29.53 4.77
C SER B 191 18.20 -28.74 4.80
C SER B 191 18.20 -28.78 4.86
N ALA B 192 18.20 -27.59 5.45
CA ALA B 192 16.99 -26.78 5.46
C ALA B 192 16.63 -26.34 4.05
N LEU B 193 17.65 -26.02 3.23
CA LEU B 193 17.40 -25.58 1.86
C LEU B 193 16.73 -26.67 1.04
N ALA B 194 17.16 -27.91 1.24
CA ALA B 194 16.54 -29.02 0.51
C ALA B 194 15.09 -29.22 0.92
N ARG B 195 14.67 -28.67 2.06
CA ARG B 195 13.29 -28.78 2.50
C ARG B 195 12.38 -27.75 1.85
N ILE B 196 12.93 -26.79 1.14
CA ILE B 196 12.11 -25.79 0.46
C ILE B 196 12.20 -25.88 -1.05
N ALA B 197 13.20 -26.58 -1.60
CA ALA B 197 13.33 -26.74 -3.04
C ALA B 197 14.43 -27.75 -3.30
N MET B 198 14.44 -28.29 -4.52
CA MET B 198 15.51 -29.21 -4.90
C MET B 198 16.83 -28.45 -4.95
N VAL B 199 17.87 -29.03 -4.36
CA VAL B 199 19.22 -28.51 -4.45
C VAL B 199 19.92 -29.30 -5.55
N ARG B 200 20.22 -28.63 -6.67
CA ARG B 200 20.79 -29.35 -7.80
C ARG B 200 22.29 -29.47 -7.69
N ALA B 201 22.94 -28.53 -7.03
CA ALA B 201 24.38 -28.63 -6.83
C ALA B 201 24.75 -27.74 -5.65
N ALA B 202 26.00 -27.90 -5.22
CA ALA B 202 26.66 -26.96 -4.31
C ALA B 202 28.06 -26.78 -4.85
N LEU B 203 28.43 -25.53 -5.21
CA LEU B 203 29.75 -25.51 -5.84
C LEU B 203 30.84 -25.14 -4.84
N PRO B 204 31.95 -25.87 -4.92
CA PRO B 204 33.07 -25.64 -3.98
C PRO B 204 33.56 -24.20 -4.02
N ALA B 205 33.80 -23.62 -2.85
CA ALA B 205 34.25 -22.23 -2.82
C ALA B 205 35.59 -22.14 -3.52
N GLY B 206 35.71 -21.21 -4.45
CA GLY B 206 36.99 -20.91 -5.06
C GLY B 206 37.15 -21.38 -6.48
N ALA B 207 36.07 -21.89 -7.07
CA ALA B 207 36.09 -22.54 -8.37
C ALA B 207 36.23 -21.55 -9.51
N ALA B 208 35.82 -20.31 -9.29
CA ALA B 208 36.12 -19.27 -10.25
C ALA B 208 37.60 -19.23 -10.63
N SER B 209 38.49 -19.53 -9.70
CA SER B 209 39.91 -19.48 -10.00
C SER B 209 40.43 -20.67 -10.81
N LEU B 210 39.64 -21.73 -11.01
CA LEU B 210 40.11 -22.85 -11.80
C LEU B 210 40.31 -22.45 -13.25
N ASP B 211 41.30 -23.07 -13.89
CA ASP B 211 41.34 -23.07 -15.34
C ASP B 211 40.29 -24.05 -15.90
N ALA B 212 40.14 -24.04 -17.22
CA ALA B 212 38.94 -24.61 -17.81
C ALA B 212 38.91 -26.14 -17.73
N GLY B 213 40.06 -26.79 -17.80
CA GLY B 213 40.08 -28.25 -17.68
C GLY B 213 39.60 -28.71 -16.32
N ASP B 214 40.06 -28.03 -15.26
CA ASP B 214 39.69 -28.42 -13.91
C ASP B 214 38.26 -28.00 -13.58
N PHE B 215 37.87 -26.82 -14.05
CA PHE B 215 36.49 -26.36 -13.88
C PHE B 215 35.50 -27.27 -14.59
N ALA B 216 35.90 -27.80 -15.75
CA ALA B 216 35.03 -28.73 -16.46
C ALA B 216 34.76 -29.97 -15.62
N ALA B 217 35.82 -30.54 -15.03
CA ALA B 217 35.66 -31.76 -14.24
C ALA B 217 34.87 -31.49 -12.96
N MET B 218 35.15 -30.38 -12.29
CA MET B 218 34.30 -29.97 -11.18
C MET B 218 32.86 -29.90 -11.61
N SER B 219 32.58 -29.23 -12.75
CA SER B 219 31.19 -28.98 -13.12
C SER B 219 30.47 -30.28 -13.51
N ALA B 220 31.17 -31.17 -14.21
CA ALA B 220 30.58 -32.46 -14.53
C ALA B 220 30.07 -33.16 -13.27
N ALA B 221 30.87 -33.12 -12.20
CA ALA B 221 30.53 -33.86 -11.00
C ALA B 221 29.43 -33.19 -10.19
N ALA B 222 29.29 -31.86 -10.35
CA ALA B 222 28.47 -31.07 -9.44
C ALA B 222 26.97 -31.24 -9.65
N PHE B 223 26.53 -31.63 -10.84
CA PHE B 223 25.10 -31.79 -11.10
C PHE B 223 24.77 -33.25 -11.31
N ASP B 224 23.49 -33.58 -11.15
CA ASP B 224 23.02 -34.90 -11.54
C ASP B 224 22.89 -34.97 -13.05
N ARG B 225 23.49 -36.00 -13.66
CA ARG B 225 23.56 -36.07 -15.12
C ARG B 225 22.17 -36.18 -15.74
N ASN B 226 21.29 -37.00 -15.15
CA ASN B 226 19.93 -37.12 -15.63
C ASN B 226 19.24 -35.76 -15.69
N TRP B 227 19.32 -35.00 -14.59
CA TRP B 227 18.64 -33.71 -14.57
C TRP B 227 19.20 -32.77 -15.62
N VAL B 228 20.51 -32.81 -15.84
CA VAL B 228 21.14 -31.92 -16.81
C VAL B 228 20.60 -32.18 -18.21
N ALA B 229 20.70 -33.44 -18.66
CA ALA B 229 20.18 -33.80 -19.97
C ALA B 229 18.68 -33.55 -20.09
N GLY B 230 17.94 -33.69 -18.99
CA GLY B 230 16.51 -33.46 -19.02
C GLY B 230 16.11 -32.01 -19.15
N LEU B 231 17.08 -31.11 -19.22
CA LEU B 231 16.73 -29.71 -19.36
C LEU B 231 16.28 -29.39 -20.78
N VAL B 232 16.93 -30.01 -21.76
CA VAL B 232 16.60 -29.74 -23.16
C VAL B 232 15.91 -30.93 -23.83
N HIS C 6 14.70 20.44 -3.20
CA HIS C 6 14.89 19.45 -4.26
C HIS C 6 13.89 19.64 -5.40
N GLY C 7 13.98 20.76 -6.11
CA GLY C 7 13.19 20.97 -7.32
C GLY C 7 12.20 22.11 -7.20
N GLY C 8 11.22 22.10 -8.11
CA GLY C 8 10.19 23.12 -8.15
C GLY C 8 8.99 22.76 -7.29
N THR C 9 7.78 22.92 -7.84
CA THR C 9 6.53 22.71 -7.10
C THR C 9 5.72 21.59 -7.71
N ILE C 10 5.64 20.47 -7.02
CA ILE C 10 4.74 19.39 -7.40
C ILE C 10 3.40 19.61 -6.72
N LEU C 11 2.32 19.55 -7.50
CA LEU C 11 0.98 19.72 -6.96
C LEU C 11 0.11 18.58 -7.42
N VAL C 12 -0.48 17.88 -6.50
CA VAL C 12 -1.40 16.83 -6.91
C VAL C 12 -2.80 17.41 -6.99
N VAL C 13 -3.57 16.92 -7.95
CA VAL C 13 -4.94 17.32 -8.16
C VAL C 13 -5.81 16.10 -7.89
N THR C 14 -6.56 16.15 -6.81
CA THR C 14 -7.51 15.09 -6.52
C THR C 14 -8.92 15.66 -6.55
N GLY C 15 -9.90 14.79 -6.33
CA GLY C 15 -11.28 15.22 -6.32
C GLY C 15 -12.05 14.42 -5.30
N THR C 16 -13.32 14.77 -5.14
CA THR C 16 -14.19 14.09 -4.18
C THR C 16 -14.76 12.79 -4.75
N GLY C 17 -14.42 12.48 -5.99
CA GLY C 17 -14.96 11.32 -6.66
C GLY C 17 -14.61 11.42 -8.13
N THR C 18 -15.35 10.66 -8.93
CA THR C 18 -15.10 10.68 -10.37
C THR C 18 -15.90 11.78 -11.05
N GLY C 19 -15.44 12.15 -12.24
CA GLY C 19 -16.18 13.05 -13.10
C GLY C 19 -16.44 14.43 -12.53
N VAL C 20 -15.65 14.88 -11.55
CA VAL C 20 -15.85 16.21 -10.95
C VAL C 20 -15.17 17.34 -11.71
N GLY C 21 -14.34 17.03 -12.70
CA GLY C 21 -13.69 18.03 -13.51
C GLY C 21 -12.22 18.17 -13.19
N LYS C 22 -11.59 17.05 -12.79
CA LYS C 22 -10.16 17.11 -12.45
C LYS C 22 -9.33 17.52 -13.64
N THR C 23 -9.64 16.95 -14.81
CA THR C 23 -8.86 17.19 -16.02
C THR C 23 -9.04 18.61 -16.51
N VAL C 24 -10.26 19.14 -16.43
CA VAL C 24 -10.53 20.50 -16.87
C VAL C 24 -9.84 21.48 -15.94
N VAL C 25 -9.72 21.13 -14.66
CA VAL C 25 -9.03 21.99 -13.71
C VAL C 25 -7.53 22.01 -13.99
N CYS C 26 -6.92 20.83 -14.11
CA CYS C 26 -5.53 20.76 -14.54
C CYS C 26 -5.32 21.60 -15.78
N ALA C 27 -6.10 21.30 -16.82
CA ALA C 27 -6.04 22.09 -18.04
C ALA C 27 -6.15 23.59 -17.74
N ALA C 28 -6.99 23.97 -16.78
CA ALA C 28 -7.20 25.40 -16.49
C ALA C 28 -6.06 26.00 -15.69
N LEU C 29 -5.67 25.35 -14.58
CA LEU C 29 -4.54 25.83 -13.79
C LEU C 29 -3.26 25.91 -14.62
N ALA C 30 -3.04 24.91 -15.49
CA ALA C 30 -1.88 24.93 -16.36
C ALA C 30 -1.88 26.16 -17.26
N SER C 31 -3.00 26.40 -17.95
CA SER C 31 -3.10 27.56 -18.82
C SER C 31 -2.93 28.86 -18.05
N ALA C 32 -3.46 28.90 -16.83
CA ALA C 32 -3.32 30.11 -16.02
C ALA C 32 -1.87 30.34 -15.64
N ALA C 33 -1.19 29.30 -15.15
CA ALA C 33 0.22 29.43 -14.80
C ALA C 33 1.08 29.67 -16.03
N ARG C 34 0.83 28.94 -17.12
CA ARG C 34 1.52 29.20 -18.36
C ARG C 34 1.41 30.67 -18.76
N GLN C 35 0.27 31.30 -18.49
CA GLN C 35 0.05 32.70 -18.82
C GLN C 35 0.69 33.66 -17.81
N ALA C 36 1.07 33.16 -16.64
CA ALA C 36 1.89 33.95 -15.71
C ALA C 36 3.37 33.90 -16.04
N GLY C 37 3.77 33.02 -16.97
CA GLY C 37 5.16 32.81 -17.30
C GLY C 37 5.77 31.58 -16.69
N ILE C 38 5.02 30.82 -15.89
CA ILE C 38 5.54 29.60 -15.28
C ILE C 38 5.65 28.49 -16.31
N ASP C 39 6.62 27.60 -16.10
CA ASP C 39 6.79 26.40 -16.91
C ASP C 39 5.96 25.29 -16.27
N VAL C 40 5.08 24.68 -17.07
CA VAL C 40 4.07 23.76 -16.54
C VAL C 40 4.24 22.38 -17.17
N ALA C 41 4.23 21.35 -16.31
CA ALA C 41 4.17 19.97 -16.73
C ALA C 41 2.98 19.31 -16.05
N VAL C 42 2.35 18.36 -16.75
CA VAL C 42 1.18 17.66 -16.25
C VAL C 42 1.42 16.16 -16.42
N CYS C 43 1.02 15.40 -15.40
CA CYS C 43 1.42 14.02 -15.24
C CYS C 43 0.20 13.19 -14.85
N LYS C 44 0.01 12.04 -15.51
CA LYS C 44 -1.12 11.15 -15.25
C LYS C 44 -0.58 9.73 -15.15
N PRO C 45 -0.05 9.37 -13.99
CA PRO C 45 0.49 8.01 -13.81
C PRO C 45 -0.44 6.89 -14.24
N VAL C 46 -1.71 6.92 -13.82
CA VAL C 46 -2.68 5.89 -14.16
C VAL C 46 -3.85 6.50 -14.92
N GLN C 47 -4.10 5.97 -16.11
CA GLN C 47 -5.22 6.35 -16.96
C GLN C 47 -6.13 5.14 -17.16
N THR C 48 -7.42 5.30 -16.81
CA THR C 48 -8.44 4.32 -17.17
C THR C 48 -9.35 4.87 -18.25
N GLY C 49 -10.25 4.03 -18.74
CA GLY C 49 -11.29 4.48 -19.64
C GLY C 49 -10.88 4.71 -21.08
N THR C 50 -9.85 4.02 -21.57
CA THR C 50 -9.44 4.23 -22.96
C THR C 50 -10.50 3.71 -23.91
N ALA C 51 -11.18 2.61 -23.54
CA ALA C 51 -12.30 2.09 -24.33
C ALA C 51 -13.42 3.11 -24.51
N ARG C 52 -13.55 4.04 -23.56
CA ARG C 52 -14.47 5.16 -23.67
C ARG C 52 -13.92 6.30 -24.49
N GLY C 53 -12.63 6.31 -24.77
CA GLY C 53 -11.99 7.41 -25.45
C GLY C 53 -11.31 8.41 -24.54
N ASP C 54 -11.14 8.08 -23.27
CA ASP C 54 -10.48 8.98 -22.33
C ASP C 54 -9.00 9.13 -22.63
N ASP C 55 -8.52 10.37 -22.57
CA ASP C 55 -7.07 10.61 -22.51
C ASP C 55 -6.91 11.99 -21.87
N ASP C 56 -6.78 11.99 -20.54
CA ASP C 56 -6.83 13.25 -19.82
C ASP C 56 -5.62 14.11 -20.15
N LEU C 57 -4.52 13.47 -20.59
CA LEU C 57 -3.33 14.22 -20.97
C LEU C 57 -3.51 14.91 -22.33
N ALA C 58 -4.12 14.22 -23.29
CA ALA C 58 -4.43 14.85 -24.57
C ALA C 58 -5.40 16.00 -24.39
N GLU C 59 -6.38 15.83 -23.50
CA GLU C 59 -7.38 16.87 -23.28
C GLU C 59 -6.77 18.07 -22.55
N VAL C 60 -5.74 17.85 -21.73
CA VAL C 60 -5.01 18.95 -21.13
C VAL C 60 -4.26 19.72 -22.21
N GLY C 61 -3.50 19.01 -23.04
CA GLY C 61 -2.78 19.67 -24.12
C GLY C 61 -3.69 20.28 -25.16
N ARG C 62 -4.89 19.72 -25.34
CA ARG C 62 -5.83 20.30 -26.29
C ARG C 62 -6.38 21.62 -25.78
N LEU C 63 -6.82 21.64 -24.53
CA LEU C 63 -7.42 22.83 -23.96
C LEU C 63 -6.39 23.89 -23.64
N ALA C 64 -5.27 23.47 -23.03
CA ALA C 64 -4.31 24.41 -22.48
C ALA C 64 -3.06 24.55 -23.31
N GLY C 65 -2.77 23.61 -24.20
CA GLY C 65 -1.58 23.69 -25.01
C GLY C 65 -0.32 23.25 -24.30
N VAL C 66 -0.46 22.41 -23.29
CA VAL C 66 0.69 21.89 -22.54
C VAL C 66 1.36 20.81 -23.36
N THR C 67 2.65 21.01 -23.66
CA THR C 67 3.43 20.02 -24.38
C THR C 67 4.14 19.04 -23.46
N GLN C 68 4.28 19.38 -22.18
CA GLN C 68 5.03 18.58 -21.22
C GLN C 68 4.05 17.68 -20.47
N LEU C 69 3.84 16.48 -21.03
CA LEU C 69 2.80 15.56 -20.60
C LEU C 69 3.40 14.16 -20.41
N ALA C 70 3.09 13.54 -19.27
CA ALA C 70 3.83 12.38 -18.80
C ALA C 70 2.84 11.33 -18.30
N GLY C 71 2.90 10.14 -18.91
CA GLY C 71 2.00 9.07 -18.55
C GLY C 71 2.78 7.79 -18.33
N LEU C 72 2.05 6.76 -17.87
CA LEU C 72 2.67 5.48 -17.60
C LEU C 72 1.64 4.39 -17.81
N ALA C 73 0.76 4.21 -16.84
CA ALA C 73 -0.25 3.19 -16.90
C ALA C 73 -1.41 3.66 -17.76
N ARG C 74 -1.97 2.73 -18.54
CA ARG C 74 -3.19 2.95 -19.31
C ARG C 74 -3.98 1.66 -19.36
N TYR C 75 -5.28 1.75 -19.06
CA TYR C 75 -6.16 0.61 -19.03
C TYR C 75 -7.46 0.92 -19.77
N PRO C 76 -8.03 -0.06 -20.46
CA PRO C 76 -9.22 0.19 -21.29
C PRO C 76 -10.48 0.58 -20.51
N GLN C 77 -10.86 -0.27 -19.55
CA GLN C 77 -12.18 -0.12 -18.92
C GLN C 77 -12.23 1.09 -17.98
N PRO C 78 -13.36 1.79 -17.97
CA PRO C 78 -13.59 2.96 -17.11
C PRO C 78 -13.97 2.54 -15.69
N MET C 79 -13.02 1.91 -14.99
CA MET C 79 -13.24 1.41 -13.65
C MET C 79 -12.13 1.94 -12.76
N ALA C 80 -12.20 1.59 -11.49
CA ALA C 80 -11.08 1.84 -10.60
C ALA C 80 -9.82 1.18 -11.15
N PRO C 81 -8.66 1.87 -11.11
CA PRO C 81 -7.43 1.34 -11.71
C PRO C 81 -7.20 -0.14 -11.47
N ALA C 82 -7.44 -0.60 -10.24
CA ALA C 82 -7.18 -1.99 -9.88
C ALA C 82 -8.04 -2.95 -10.68
N ALA C 83 -9.36 -2.74 -10.72
CA ALA C 83 -10.25 -3.65 -11.45
C ALA C 83 -10.07 -3.50 -12.95
N ALA C 84 -9.71 -2.30 -13.40
CA ALA C 84 -9.39 -2.08 -14.81
C ALA C 84 -8.17 -2.89 -15.22
N ALA C 85 -7.16 -2.94 -14.35
CA ALA C 85 -5.99 -3.79 -14.62
C ALA C 85 -6.36 -5.26 -14.52
N GLU C 86 -7.16 -5.64 -13.52
CA GLU C 86 -7.61 -7.03 -13.42
C GLU C 86 -8.35 -7.44 -14.70
N HIS C 87 -9.21 -6.57 -15.21
CA HIS C 87 -9.98 -6.86 -16.41
C HIS C 87 -9.10 -7.07 -17.63
N ALA C 88 -8.09 -6.21 -17.79
CA ALA C 88 -7.16 -6.23 -18.92
C ALA C 88 -6.03 -7.23 -18.75
N GLY C 89 -6.04 -8.01 -17.66
CA GLY C 89 -4.96 -8.96 -17.41
C GLY C 89 -3.62 -8.32 -17.15
N MET C 90 -3.59 -7.08 -16.70
CA MET C 90 -2.36 -6.34 -16.44
C MET C 90 -2.20 -6.09 -14.94
N ALA C 91 -1.12 -5.39 -14.59
CA ALA C 91 -0.78 -5.10 -13.22
C ALA C 91 -0.76 -3.60 -12.99
N LEU C 92 -1.18 -3.17 -11.81
CA LEU C 92 -0.98 -1.78 -11.43
C LEU C 92 0.51 -1.47 -11.53
N PRO C 93 0.91 -0.23 -11.79
CA PRO C 93 2.35 0.07 -11.81
C PRO C 93 2.95 -0.14 -10.43
N ALA C 94 4.28 -0.04 -10.38
CA ALA C 94 4.99 -0.02 -9.12
C ALA C 94 5.04 1.42 -8.58
N ARG C 95 5.15 1.51 -7.25
CA ARG C 95 5.16 2.82 -6.59
C ARG C 95 6.33 3.68 -7.02
N ASP C 96 7.53 3.10 -7.14
CA ASP C 96 8.69 3.92 -7.50
C ASP C 96 8.65 4.34 -8.97
N GLN C 97 8.03 3.52 -9.84
CA GLN C 97 7.76 3.97 -11.21
C GLN C 97 6.98 5.27 -11.21
N ILE C 98 6.03 5.41 -10.27
CA ILE C 98 5.20 6.61 -10.18
C ILE C 98 6.01 7.77 -9.62
N VAL C 99 6.81 7.52 -8.58
CA VAL C 99 7.59 8.59 -7.99
C VAL C 99 8.70 9.02 -8.94
N ARG C 100 9.31 8.06 -9.64
CA ARG C 100 10.33 8.38 -10.63
C ARG C 100 9.74 9.27 -11.74
N LEU C 101 8.61 8.85 -12.30
CA LEU C 101 7.92 9.63 -13.32
C LEU C 101 7.68 11.06 -12.84
N ILE C 102 7.19 11.22 -11.61
CA ILE C 102 6.97 12.55 -11.07
C ILE C 102 8.29 13.24 -10.77
N ALA C 103 9.26 12.51 -10.21
CA ALA C 103 10.54 13.12 -9.85
C ALA C 103 11.30 13.59 -11.07
N ASP C 104 11.45 12.69 -12.07
CA ASP C 104 12.12 13.09 -13.31
C ASP C 104 11.50 14.35 -13.87
N LEU C 105 10.18 14.46 -13.74
CA LEU C 105 9.43 15.54 -14.36
C LEU C 105 9.62 16.86 -13.61
N ASP C 106 9.78 16.79 -12.29
CA ASP C 106 9.98 18.01 -11.51
C ASP C 106 11.37 18.57 -11.76
N ARG C 107 11.42 19.86 -12.06
N ARG C 107 11.43 19.86 -12.07
CA ARG C 107 12.65 20.63 -12.12
CA ARG C 107 12.66 20.62 -12.12
C ARG C 107 12.36 21.99 -11.50
C ARG C 107 12.39 22.01 -11.56
N PRO C 108 13.39 22.65 -10.95
CA PRO C 108 13.16 23.96 -10.32
C PRO C 108 12.60 24.97 -11.32
N GLY C 109 11.66 25.77 -10.84
CA GLY C 109 11.00 26.77 -11.64
C GLY C 109 9.76 26.30 -12.39
N ARG C 110 9.36 25.05 -12.19
CA ARG C 110 8.30 24.43 -12.95
C ARG C 110 7.14 24.03 -12.05
N LEU C 111 5.91 24.18 -12.58
CA LEU C 111 4.71 23.69 -11.92
C LEU C 111 4.34 22.33 -12.48
N THR C 112 4.31 21.33 -11.61
CA THR C 112 4.07 19.96 -12.01
C THR C 112 2.78 19.50 -11.34
N LEU C 113 1.74 19.32 -12.15
CA LEU C 113 0.48 18.78 -11.68
C LEU C 113 0.49 17.28 -11.91
N VAL C 114 -0.17 16.54 -11.01
CA VAL C 114 -0.28 15.09 -11.15
C VAL C 114 -1.72 14.70 -10.84
N GLU C 115 -2.42 14.20 -11.85
CA GLU C 115 -3.83 13.86 -11.72
C GLU C 115 -3.97 12.42 -11.28
N GLY C 116 -4.67 12.21 -10.18
CA GLY C 116 -5.02 10.88 -9.74
C GLY C 116 -6.11 10.25 -10.58
N ALA C 117 -6.76 9.23 -10.05
CA ALA C 117 -7.73 8.46 -10.82
C ALA C 117 -8.97 8.29 -9.97
N GLY C 118 -9.88 9.26 -10.09
CA GLY C 118 -11.07 9.29 -9.26
C GLY C 118 -10.79 10.05 -7.97
N GLY C 119 -11.07 9.39 -6.83
CA GLY C 119 -10.88 10.00 -5.54
C GLY C 119 -9.50 9.77 -4.92
N LEU C 120 -9.29 10.44 -3.78
CA LEU C 120 -7.98 10.50 -3.14
C LEU C 120 -7.49 9.14 -2.67
N LEU C 121 -8.40 8.30 -2.19
CA LEU C 121 -7.99 7.02 -1.61
C LEU C 121 -8.14 5.87 -2.59
N VAL C 122 -8.09 6.16 -3.88
CA VAL C 122 -8.14 5.11 -4.89
C VAL C 122 -6.77 4.49 -5.02
N GLU C 123 -6.69 3.16 -4.93
CA GLU C 123 -5.39 2.50 -5.07
C GLU C 123 -4.81 2.74 -6.46
N LEU C 124 -3.62 3.35 -6.51
CA LEU C 124 -2.88 3.58 -7.75
C LEU C 124 -1.79 2.55 -8.03
N ALA C 125 -1.13 2.03 -7.00
CA ALA C 125 -0.20 0.92 -7.12
C ALA C 125 -0.46 -0.04 -5.98
N GLU C 126 0.05 -1.27 -6.13
N GLU C 126 0.05 -1.28 -6.13
CA GLU C 126 -0.03 -2.20 -5.01
CA GLU C 126 -0.01 -2.24 -5.03
C GLU C 126 1.04 -1.86 -3.97
C GLU C 126 1.04 -1.88 -3.97
N PRO C 127 0.73 -2.05 -2.67
CA PRO C 127 -0.62 -2.38 -2.18
C PRO C 127 -1.28 -1.16 -1.54
N GLY C 128 -2.50 -0.83 -1.96
CA GLY C 128 -3.21 0.27 -1.36
C GLY C 128 -2.42 1.57 -1.35
N VAL C 129 -1.53 1.73 -2.31
CA VAL C 129 -0.82 2.98 -2.50
C VAL C 129 -1.76 3.94 -3.21
N THR C 130 -1.91 5.16 -2.66
CA THR C 130 -2.87 6.14 -3.15
C THR C 130 -2.17 7.41 -3.54
N LEU C 131 -2.93 8.31 -4.17
CA LEU C 131 -2.40 9.62 -4.47
C LEU C 131 -1.91 10.33 -3.21
N ARG C 132 -2.49 10.00 -2.05
CA ARG C 132 -2.09 10.65 -0.81
C ARG C 132 -0.68 10.24 -0.39
N ASP C 133 -0.43 8.93 -0.37
CA ASP C 133 0.91 8.38 -0.16
C ASP C 133 1.92 9.03 -1.09
N VAL C 134 1.60 9.06 -2.39
CA VAL C 134 2.51 9.62 -3.38
C VAL C 134 2.79 11.08 -3.09
N ALA C 135 1.83 11.81 -2.52
CA ALA C 135 2.04 13.24 -2.28
C ALA C 135 2.98 13.46 -1.11
N VAL C 136 2.99 12.54 -0.14
CA VAL C 136 4.01 12.55 0.90
C VAL C 136 5.39 12.35 0.28
N ASP C 137 5.50 11.39 -0.66
CA ASP C 137 6.80 11.04 -1.23
C ASP C 137 7.45 12.21 -1.94
N VAL C 138 6.67 13.12 -2.48
CA VAL C 138 7.20 14.17 -3.35
C VAL C 138 7.04 15.55 -2.72
N ALA C 139 6.61 15.63 -1.46
CA ALA C 139 6.41 16.91 -0.78
C ALA C 139 5.51 17.84 -1.60
N ALA C 140 4.36 17.31 -2.00
CA ALA C 140 3.40 18.03 -2.82
C ALA C 140 2.15 18.34 -2.02
N ALA C 141 1.61 19.54 -2.22
CA ALA C 141 0.29 19.82 -1.69
C ALA C 141 -0.77 19.14 -2.54
N ALA C 142 -2.01 19.17 -2.06
CA ALA C 142 -3.15 18.60 -2.79
C ALA C 142 -4.19 19.69 -3.02
N LEU C 143 -4.49 19.95 -4.28
CA LEU C 143 -5.63 20.74 -4.67
C LEU C 143 -6.83 19.82 -4.85
N VAL C 144 -7.94 20.16 -4.22
CA VAL C 144 -9.12 19.29 -4.18
C VAL C 144 -10.19 19.85 -5.10
N VAL C 145 -10.68 19.01 -6.02
CA VAL C 145 -11.72 19.40 -6.96
C VAL C 145 -13.05 18.87 -6.42
N VAL C 146 -14.05 19.76 -6.34
CA VAL C 146 -15.32 19.42 -5.72
C VAL C 146 -16.45 19.83 -6.64
N THR C 147 -17.62 19.25 -6.40
CA THR C 147 -18.86 19.67 -7.03
C THR C 147 -19.59 20.65 -6.14
N ALA C 148 -20.59 21.30 -6.71
CA ALA C 148 -21.50 22.10 -5.91
C ALA C 148 -22.78 21.34 -5.60
N ASP C 149 -22.88 20.10 -6.03
CA ASP C 149 -24.13 19.36 -5.87
C ASP C 149 -24.29 18.93 -4.42
N LEU C 150 -25.52 18.53 -4.09
CA LEU C 150 -25.81 18.05 -2.75
C LEU C 150 -24.85 16.94 -2.37
N GLY C 151 -24.39 16.98 -1.12
CA GLY C 151 -23.44 16.02 -0.60
C GLY C 151 -21.99 16.39 -0.79
N THR C 152 -21.69 17.51 -1.47
CA THR C 152 -20.30 17.90 -1.65
C THR C 152 -19.62 18.13 -0.32
N LEU C 153 -20.35 18.63 0.67
CA LEU C 153 -19.70 19.00 1.93
C LEU C 153 -19.21 17.77 2.67
N ASN C 154 -20.06 16.76 2.83
CA ASN C 154 -19.60 15.53 3.45
C ASN C 154 -18.38 14.99 2.72
N HIS C 155 -18.38 15.05 1.38
CA HIS C 155 -17.26 14.53 0.61
C HIS C 155 -16.04 15.42 0.71
N THR C 156 -16.21 16.74 0.60
CA THR C 156 -15.09 17.65 0.79
C THR C 156 -14.48 17.49 2.17
N LYS C 157 -15.31 17.24 3.19
CA LYS C 157 -14.80 17.12 4.55
C LYS C 157 -14.05 15.81 4.75
N LEU C 158 -14.61 14.71 4.28
CA LEU C 158 -13.89 13.44 4.33
C LEU C 158 -12.52 13.57 3.70
N THR C 159 -12.47 14.20 2.53
CA THR C 159 -11.22 14.32 1.79
C THR C 159 -10.20 15.13 2.57
N LEU C 160 -10.61 16.29 3.09
CA LEU C 160 -9.66 17.15 3.79
C LEU C 160 -9.19 16.51 5.10
N GLU C 161 -10.09 15.82 5.79
CA GLU C 161 -9.68 15.05 6.95
C GLU C 161 -8.67 14.00 6.56
N ALA C 162 -8.83 13.40 5.38
CA ALA C 162 -7.84 12.43 4.92
C ALA C 162 -6.53 13.11 4.54
N LEU C 163 -6.60 14.33 4.02
CA LEU C 163 -5.36 15.04 3.66
C LEU C 163 -4.53 15.34 4.89
N ALA C 164 -5.15 15.98 5.88
CA ALA C 164 -4.41 16.39 7.07
C ALA C 164 -4.00 15.20 7.95
N ALA C 165 -4.61 14.03 7.76
CA ALA C 165 -4.22 12.87 8.56
C ALA C 165 -2.78 12.48 8.32
N GLN C 166 -2.29 12.59 7.09
CA GLN C 166 -0.89 12.36 6.73
C GLN C 166 -0.18 13.68 6.39
N GLN C 167 -0.45 14.71 7.18
CA GLN C 167 0.25 16.00 7.09
C GLN C 167 0.51 16.42 5.64
N VAL C 168 -0.55 16.35 4.83
CA VAL C 168 -0.51 16.80 3.44
C VAL C 168 -1.22 18.16 3.36
N SER C 169 -0.48 19.19 3.03
CA SER C 169 -1.10 20.50 2.91
C SER C 169 -2.17 20.48 1.84
N CYS C 170 -3.26 21.19 2.10
CA CYS C 170 -4.31 21.38 1.12
C CYS C 170 -4.12 22.73 0.45
N ALA C 171 -3.83 22.70 -0.86
CA ALA C 171 -3.60 23.92 -1.63
C ALA C 171 -4.86 24.76 -1.85
N GLY C 172 -6.04 24.24 -1.50
CA GLY C 172 -7.29 24.92 -1.71
C GLY C 172 -8.31 24.03 -2.41
N LEU C 173 -9.44 24.64 -2.77
CA LEU C 173 -10.53 23.96 -3.45
C LEU C 173 -10.81 24.61 -4.79
N VAL C 174 -11.27 23.78 -5.73
CA VAL C 174 -11.80 24.23 -7.01
C VAL C 174 -13.14 23.55 -7.24
N ILE C 175 -14.17 24.36 -7.51
CA ILE C 175 -15.45 23.85 -7.98
C ILE C 175 -15.29 23.55 -9.46
N GLY C 176 -15.22 22.26 -9.81
CA GLY C 176 -14.81 21.89 -11.16
C GLY C 176 -15.85 22.22 -12.22
N SER C 177 -17.14 22.13 -11.87
CA SER C 177 -18.21 22.50 -12.78
C SER C 177 -19.18 23.37 -12.01
N TRP C 178 -19.25 24.66 -12.42
CA TRP C 178 -20.12 25.64 -11.77
C TRP C 178 -21.29 25.98 -12.68
N PRO C 179 -22.52 25.65 -12.31
CA PRO C 179 -23.67 25.94 -13.18
C PRO C 179 -24.04 27.42 -13.15
N ASP C 180 -24.58 27.89 -14.27
CA ASP C 180 -25.07 29.26 -14.41
C ASP C 180 -26.39 29.27 -15.18
N PRO C 181 -27.54 29.50 -14.51
CA PRO C 181 -27.69 29.92 -13.10
C PRO C 181 -27.47 28.84 -12.04
N PRO C 182 -26.92 29.25 -10.89
CA PRO C 182 -26.78 28.32 -9.76
C PRO C 182 -28.07 28.25 -8.95
N GLY C 183 -28.57 27.02 -8.76
CA GLY C 183 -29.74 26.81 -7.97
C GLY C 183 -29.48 27.08 -6.50
N LEU C 184 -30.53 26.89 -5.70
CA LEU C 184 -30.39 27.10 -4.26
C LEU C 184 -29.31 26.22 -3.68
N VAL C 185 -29.22 24.96 -4.16
CA VAL C 185 -28.22 24.05 -3.62
C VAL C 185 -26.82 24.55 -3.96
N ALA C 186 -26.57 24.86 -5.23
CA ALA C 186 -25.23 25.32 -5.63
C ALA C 186 -24.82 26.58 -4.89
N ALA C 187 -25.70 27.58 -4.84
CA ALA C 187 -25.34 28.82 -4.17
C ALA C 187 -24.96 28.58 -2.73
N SER C 188 -25.76 27.78 -2.01
CA SER C 188 -25.53 27.58 -0.59
C SER C 188 -24.24 26.79 -0.35
N ASN C 189 -24.00 25.75 -1.15
CA ASN C 189 -22.79 24.97 -0.97
C ASN C 189 -21.55 25.79 -1.32
N ARG C 190 -21.60 26.57 -2.39
CA ARG C 190 -20.46 27.44 -2.71
C ARG C 190 -20.01 28.23 -1.48
N SER C 191 -20.96 28.79 -0.73
CA SER C 191 -20.58 29.55 0.46
C SER C 191 -20.09 28.65 1.57
N ALA C 192 -20.68 27.45 1.69
CA ALA C 192 -20.33 26.54 2.77
C ALA C 192 -18.95 25.90 2.55
N LEU C 193 -18.62 25.59 1.30
CA LEU C 193 -17.28 25.09 1.00
C LEU C 193 -16.22 26.13 1.34
N ALA C 194 -16.50 27.40 1.01
CA ALA C 194 -15.58 28.48 1.33
C ALA C 194 -15.41 28.69 2.83
N ARG C 195 -16.24 28.05 3.66
CA ARG C 195 -16.07 28.04 5.10
C ARG C 195 -15.23 26.86 5.58
N ILE C 196 -14.79 26.00 4.67
CA ILE C 196 -13.99 24.84 5.02
C ILE C 196 -12.54 25.02 4.56
N ALA C 197 -12.37 25.63 3.39
CA ALA C 197 -11.07 25.92 2.83
C ALA C 197 -11.26 27.03 1.80
N MET C 198 -10.15 27.45 1.20
CA MET C 198 -10.17 28.48 0.18
C MET C 198 -10.68 27.92 -1.15
N VAL C 199 -11.36 28.77 -1.91
CA VAL C 199 -11.93 28.37 -3.20
C VAL C 199 -11.19 29.16 -4.27
N ARG C 200 -10.18 28.54 -4.88
CA ARG C 200 -9.32 29.24 -5.82
C ARG C 200 -10.01 29.48 -7.15
N ALA C 201 -11.01 28.67 -7.49
CA ALA C 201 -11.69 28.81 -8.78
C ALA C 201 -13.00 28.07 -8.75
N ALA C 202 -13.98 28.62 -9.49
CA ALA C 202 -15.22 27.92 -9.83
C ALA C 202 -15.33 27.91 -11.35
N LEU C 203 -14.95 26.80 -11.97
CA LEU C 203 -14.83 26.74 -13.43
C LEU C 203 -16.19 26.69 -14.10
N PRO C 204 -16.49 27.64 -14.98
CA PRO C 204 -17.74 27.61 -15.73
C PRO C 204 -18.02 26.25 -16.35
N ALA C 205 -19.20 25.72 -16.09
CA ALA C 205 -19.61 24.47 -16.71
C ALA C 205 -19.56 24.61 -18.23
N GLY C 206 -19.10 23.56 -18.90
CA GLY C 206 -19.00 23.60 -20.34
C GLY C 206 -17.64 24.02 -20.86
N ALA C 207 -16.62 24.08 -20.03
CA ALA C 207 -15.34 24.65 -20.45
C ALA C 207 -14.61 23.77 -21.46
N ALA C 208 -14.84 22.45 -21.42
CA ALA C 208 -14.18 21.58 -22.40
C ALA C 208 -14.63 21.85 -23.83
N SER C 209 -15.73 22.58 -24.02
CA SER C 209 -16.17 22.98 -25.35
C SER C 209 -15.66 24.35 -25.76
N LEU C 210 -14.69 24.89 -25.02
CA LEU C 210 -14.07 26.17 -25.34
C LEU C 210 -12.88 25.97 -26.28
N ASP C 211 -12.85 26.77 -27.35
CA ASP C 211 -11.66 26.97 -28.17
C ASP C 211 -10.49 27.40 -27.28
N ALA C 212 -9.26 27.17 -27.73
CA ALA C 212 -8.10 27.43 -26.88
C ALA C 212 -7.99 28.89 -26.47
N GLY C 213 -8.25 29.81 -27.41
CA GLY C 213 -8.23 31.22 -27.05
C GLY C 213 -9.21 31.55 -25.95
N ASP C 214 -10.45 31.06 -26.07
CA ASP C 214 -11.43 31.28 -25.02
C ASP C 214 -11.06 30.56 -23.73
N PHE C 215 -10.59 29.30 -23.85
CA PHE C 215 -10.22 28.54 -22.68
C PHE C 215 -9.10 29.23 -21.90
N ALA C 216 -8.10 29.75 -22.61
CA ALA C 216 -7.04 30.47 -21.93
C ALA C 216 -7.61 31.63 -21.11
N ALA C 217 -8.47 32.44 -21.75
CA ALA C 217 -9.09 33.57 -21.07
C ALA C 217 -9.88 33.15 -19.84
N MET C 218 -10.74 32.14 -19.99
CA MET C 218 -11.50 31.64 -18.85
C MET C 218 -10.56 31.25 -17.71
N SER C 219 -9.45 30.61 -18.03
CA SER C 219 -8.54 30.14 -16.98
C SER C 219 -7.87 31.33 -16.29
N ALA C 220 -7.43 32.32 -17.07
CA ALA C 220 -6.83 33.50 -16.45
C ALA C 220 -7.74 34.10 -15.39
N ALA C 221 -9.02 34.27 -15.73
CA ALA C 221 -9.96 34.90 -14.81
C ALA C 221 -10.38 33.99 -13.68
N ALA C 222 -10.38 32.68 -13.92
CA ALA C 222 -10.91 31.74 -12.93
C ALA C 222 -10.08 31.73 -11.67
N PHE C 223 -8.79 32.01 -11.77
CA PHE C 223 -7.85 31.95 -10.66
C PHE C 223 -7.33 33.33 -10.31
N ASP C 224 -6.68 33.41 -9.17
CA ASP C 224 -5.95 34.61 -8.78
C ASP C 224 -4.50 34.48 -9.24
N ARG C 225 -4.01 35.48 -9.98
CA ARG C 225 -2.67 35.35 -10.55
C ARG C 225 -1.60 35.28 -9.46
N ASN C 226 -1.75 36.07 -8.39
CA ASN C 226 -0.80 36.01 -7.29
C ASN C 226 -0.72 34.60 -6.72
N TRP C 227 -1.87 34.03 -6.35
CA TRP C 227 -1.88 32.66 -5.85
C TRP C 227 -1.34 31.68 -6.89
N VAL C 228 -1.56 31.97 -8.17
CA VAL C 228 -1.05 31.11 -9.23
C VAL C 228 0.47 31.23 -9.32
N ALA C 229 0.96 32.44 -9.57
CA ALA C 229 2.38 32.65 -9.77
C ALA C 229 3.18 32.57 -8.47
N GLY C 230 2.51 32.62 -7.32
CA GLY C 230 3.15 32.36 -6.05
C GLY C 230 3.03 30.92 -5.61
N LEU C 231 2.99 30.01 -6.58
CA LEU C 231 3.09 28.59 -6.28
C LEU C 231 4.53 28.10 -6.41
N VAL C 232 5.23 28.57 -7.44
CA VAL C 232 6.66 28.30 -7.58
C VAL C 232 7.51 29.43 -7.02
N GLY C 233 6.91 30.59 -6.75
CA GLY C 233 7.64 31.75 -6.29
C GLY C 233 7.92 32.70 -7.42
N HIS D 6 -25.34 -2.54 31.55
CA HIS D 6 -24.92 -2.53 30.15
C HIS D 6 -25.92 -1.81 29.23
N GLY D 7 -27.22 -2.07 29.39
CA GLY D 7 -28.24 -1.42 28.58
C GLY D 7 -28.53 -2.14 27.27
N GLY D 8 -28.87 -1.40 26.22
CA GLY D 8 -29.12 -1.95 24.92
C GLY D 8 -28.10 -1.52 23.87
N THR D 9 -28.36 -1.95 22.63
CA THR D 9 -27.47 -1.73 21.50
C THR D 9 -27.94 -0.53 20.67
N ILE D 10 -27.11 0.52 20.62
CA ILE D 10 -27.38 1.72 19.83
C ILE D 10 -26.50 1.70 18.59
N LEU D 11 -27.10 1.65 17.40
CA LEU D 11 -26.37 1.48 16.14
C LEU D 11 -26.68 2.66 15.21
N VAL D 12 -25.70 3.51 14.94
CA VAL D 12 -25.92 4.55 13.95
C VAL D 12 -25.76 3.95 12.55
N VAL D 13 -26.61 4.39 11.63
CA VAL D 13 -26.60 3.89 10.26
C VAL D 13 -26.26 5.10 9.38
N THR D 14 -25.01 5.15 8.95
CA THR D 14 -24.51 6.23 8.12
C THR D 14 -24.23 5.71 6.71
N GLY D 15 -23.78 6.63 5.85
CA GLY D 15 -23.59 6.33 4.45
C GLY D 15 -22.35 6.97 3.90
N THR D 16 -22.11 6.68 2.63
CA THR D 16 -21.05 7.33 1.86
C THR D 16 -21.53 8.58 1.16
N GLY D 17 -22.77 8.98 1.39
CA GLY D 17 -23.39 10.06 0.67
C GLY D 17 -24.89 9.95 0.78
N THR D 18 -25.56 10.99 0.31
CA THR D 18 -27.01 10.99 0.19
C THR D 18 -27.51 9.93 -0.80
N GLY D 19 -28.77 9.55 -0.65
CA GLY D 19 -29.45 8.68 -1.59
C GLY D 19 -29.01 7.24 -1.62
N VAL D 20 -28.01 6.83 -0.84
CA VAL D 20 -27.38 5.52 -1.01
C VAL D 20 -28.26 4.40 -0.45
N GLY D 21 -29.36 4.77 0.19
CA GLY D 21 -30.28 3.80 0.74
C GLY D 21 -30.23 3.60 2.23
N LYS D 22 -29.82 4.60 3.01
CA LYS D 22 -29.76 4.45 4.47
C LYS D 22 -31.13 4.08 5.02
N THR D 23 -32.15 4.86 4.66
CA THR D 23 -33.47 4.69 5.26
C THR D 23 -34.01 3.29 5.02
N VAL D 24 -33.82 2.74 3.83
CA VAL D 24 -34.35 1.42 3.53
C VAL D 24 -33.61 0.35 4.32
N VAL D 25 -32.34 0.59 4.62
CA VAL D 25 -31.56 -0.39 5.36
C VAL D 25 -32.05 -0.49 6.79
N CYS D 26 -32.39 0.65 7.39
CA CYS D 26 -32.99 0.66 8.72
C CYS D 26 -34.27 -0.13 8.74
N ALA D 27 -35.06 -0.03 7.69
CA ALA D 27 -36.30 -0.76 7.64
C ALA D 27 -36.02 -2.26 7.58
N ALA D 28 -35.13 -2.66 6.66
CA ALA D 28 -34.78 -4.06 6.50
C ALA D 28 -34.14 -4.64 7.77
N LEU D 29 -33.20 -3.91 8.37
CA LEU D 29 -32.59 -4.38 9.60
C LEU D 29 -33.62 -4.44 10.73
N ALA D 30 -34.50 -3.42 10.80
CA ALA D 30 -35.53 -3.44 11.84
C ALA D 30 -36.45 -4.64 11.65
N SER D 31 -36.82 -4.93 10.41
CA SER D 31 -37.67 -6.09 10.14
C SER D 31 -36.93 -7.40 10.43
N ALA D 32 -35.64 -7.45 10.11
CA ALA D 32 -34.85 -8.64 10.44
C ALA D 32 -34.72 -8.81 11.95
N ALA D 33 -34.40 -7.74 12.67
CA ALA D 33 -34.35 -7.83 14.12
C ALA D 33 -35.70 -8.24 14.70
N ARG D 34 -36.73 -7.41 14.47
CA ARG D 34 -38.08 -7.71 14.96
C ARG D 34 -38.47 -9.17 14.73
N GLN D 35 -38.23 -9.67 13.51
CA GLN D 35 -38.64 -11.02 13.17
C GLN D 35 -37.92 -12.08 14.01
N ALA D 36 -36.75 -11.75 14.55
CA ALA D 36 -36.00 -12.63 15.43
C ALA D 36 -36.21 -12.29 16.90
N GLY D 37 -37.34 -11.67 17.24
CA GLY D 37 -37.69 -11.43 18.62
C GLY D 37 -37.04 -10.23 19.27
N ILE D 38 -36.58 -9.26 18.50
CA ILE D 38 -35.88 -8.10 19.04
C ILE D 38 -36.78 -6.88 18.95
N ASP D 39 -36.88 -6.13 20.06
CA ASP D 39 -37.55 -4.84 20.05
C ASP D 39 -36.65 -3.83 19.34
N VAL D 40 -37.25 -3.01 18.47
CA VAL D 40 -36.50 -2.08 17.64
C VAL D 40 -37.05 -0.67 17.80
N ALA D 41 -36.17 0.32 17.80
CA ALA D 41 -36.54 1.72 17.78
C ALA D 41 -35.62 2.43 16.81
N VAL D 42 -36.19 3.25 15.94
CA VAL D 42 -35.42 3.96 14.94
C VAL D 42 -35.50 5.45 15.26
N CYS D 43 -34.39 6.17 15.11
CA CYS D 43 -34.32 7.59 15.45
C CYS D 43 -33.73 8.41 14.32
N LYS D 44 -34.44 9.47 13.92
CA LYS D 44 -33.99 10.35 12.84
C LYS D 44 -34.09 11.79 13.35
N PRO D 45 -33.07 12.27 14.11
CA PRO D 45 -33.14 13.61 14.71
C PRO D 45 -33.59 14.69 13.75
N VAL D 46 -32.86 14.94 12.66
CA VAL D 46 -33.20 15.99 11.70
C VAL D 46 -33.63 15.39 10.37
N GLN D 47 -34.83 15.78 9.93
CA GLN D 47 -35.40 15.37 8.65
C GLN D 47 -35.61 16.61 7.81
N THR D 48 -34.90 16.72 6.68
CA THR D 48 -35.11 17.80 5.73
C THR D 48 -36.04 17.36 4.59
N GLY D 49 -36.37 18.34 3.75
CA GLY D 49 -37.19 18.08 2.57
C GLY D 49 -38.65 17.75 2.83
N THR D 50 -39.24 18.31 3.87
CA THR D 50 -40.62 17.97 4.21
C THR D 50 -41.65 18.71 3.38
N ALA D 51 -41.24 19.77 2.68
CA ALA D 51 -42.16 20.50 1.82
C ALA D 51 -42.71 19.62 0.70
N ARG D 52 -41.91 18.68 0.23
CA ARG D 52 -42.35 17.72 -0.78
C ARG D 52 -42.74 16.36 -0.19
N GLY D 53 -42.79 16.23 1.14
CA GLY D 53 -43.34 15.05 1.76
C GLY D 53 -42.35 13.97 2.14
N ASP D 54 -41.10 14.32 2.37
CA ASP D 54 -40.13 13.34 2.84
C ASP D 54 -40.33 13.09 4.32
N ASP D 55 -40.16 11.82 4.71
CA ASP D 55 -40.45 11.35 6.05
C ASP D 55 -39.83 9.98 6.19
N ASP D 56 -38.53 9.96 6.46
CA ASP D 56 -37.82 8.69 6.58
C ASP D 56 -38.40 7.83 7.70
N LEU D 57 -38.85 8.45 8.79
CA LEU D 57 -39.43 7.66 9.88
C LEU D 57 -40.72 6.97 9.43
N ALA D 58 -41.62 7.72 8.79
CA ALA D 58 -42.87 7.12 8.32
C ALA D 58 -42.61 5.96 7.39
N GLU D 59 -41.52 6.00 6.63
CA GLU D 59 -41.23 4.94 5.70
C GLU D 59 -40.71 3.69 6.40
N VAL D 60 -40.00 3.86 7.53
CA VAL D 60 -39.55 2.74 8.34
C VAL D 60 -40.73 2.07 9.04
N GLY D 61 -41.63 2.87 9.62
CA GLY D 61 -42.84 2.30 10.19
C GLY D 61 -43.67 1.58 9.16
N ARG D 62 -43.72 2.12 7.95
CA ARG D 62 -44.46 1.51 6.86
C ARG D 62 -43.90 0.13 6.50
N LEU D 63 -42.59 0.03 6.38
CA LEU D 63 -41.97 -1.20 5.89
C LEU D 63 -41.72 -2.21 7.00
N ALA D 64 -41.24 -1.77 8.17
CA ALA D 64 -40.84 -2.69 9.22
C ALA D 64 -41.81 -2.72 10.39
N GLY D 65 -42.79 -1.81 10.45
CA GLY D 65 -43.74 -1.83 11.55
C GLY D 65 -43.20 -1.34 12.87
N VAL D 66 -42.01 -0.77 12.90
CA VAL D 66 -41.51 -0.09 14.09
C VAL D 66 -42.51 0.98 14.51
N THR D 67 -42.70 1.15 15.83
CA THR D 67 -43.57 2.20 16.32
C THR D 67 -42.85 3.25 17.15
N GLN D 68 -41.69 2.94 17.72
CA GLN D 68 -40.90 3.94 18.44
C GLN D 68 -40.05 4.67 17.40
N LEU D 69 -40.55 5.83 16.93
CA LEU D 69 -40.05 6.53 15.75
C LEU D 69 -39.82 8.00 16.13
N ALA D 70 -38.57 8.35 16.44
CA ALA D 70 -38.26 9.53 17.23
C ALA D 70 -37.64 10.62 16.36
N GLY D 71 -38.05 11.87 16.59
CA GLY D 71 -37.59 12.98 15.77
C GLY D 71 -37.57 14.30 16.53
N LEU D 72 -36.74 15.22 16.03
CA LEU D 72 -36.49 16.49 16.71
C LEU D 72 -36.79 17.70 15.84
N ALA D 73 -36.48 17.66 14.54
CA ALA D 73 -36.70 18.84 13.74
C ALA D 73 -37.06 18.41 12.33
N ARG D 74 -37.67 19.35 11.59
CA ARG D 74 -38.13 19.13 10.23
C ARG D 74 -37.97 20.41 9.43
N TYR D 75 -37.18 20.33 8.34
CA TYR D 75 -37.04 21.53 7.50
C TYR D 75 -37.63 21.25 6.13
N PRO D 76 -38.33 22.23 5.55
CA PRO D 76 -39.02 21.96 4.28
C PRO D 76 -38.10 21.86 3.09
N GLN D 77 -36.94 22.46 3.16
CA GLN D 77 -36.14 22.50 1.94
C GLN D 77 -35.38 21.20 1.76
N PRO D 78 -35.26 20.73 0.54
CA PRO D 78 -34.51 19.49 0.27
C PRO D 78 -33.01 19.75 0.18
N MET D 79 -32.46 20.32 1.23
CA MET D 79 -31.05 20.63 1.33
C MET D 79 -30.43 19.81 2.46
N ALA D 80 -29.11 19.94 2.61
CA ALA D 80 -28.49 19.46 3.83
C ALA D 80 -29.02 20.28 5.01
N PRO D 81 -29.07 19.70 6.20
CA PRO D 81 -29.62 20.40 7.38
C PRO D 81 -29.21 21.86 7.56
N ALA D 82 -27.91 22.17 7.55
CA ALA D 82 -27.50 23.54 7.83
C ALA D 82 -28.12 24.51 6.82
N ALA D 83 -28.15 24.13 5.55
CA ALA D 83 -28.70 25.04 4.55
C ALA D 83 -30.22 25.10 4.66
N ALA D 84 -30.86 23.95 4.86
CA ALA D 84 -32.30 23.92 5.08
C ALA D 84 -32.70 24.82 6.24
N ALA D 85 -31.87 24.89 7.27
CA ALA D 85 -32.14 25.74 8.42
C ALA D 85 -31.92 27.20 8.08
N GLU D 86 -30.81 27.50 7.38
CA GLU D 86 -30.54 28.89 7.08
C GLU D 86 -31.60 29.45 6.14
N HIS D 87 -32.09 28.62 5.22
CA HIS D 87 -33.20 29.06 4.39
C HIS D 87 -34.41 29.37 5.23
N ALA D 88 -34.88 28.37 5.99
CA ALA D 88 -36.05 28.56 6.85
C ALA D 88 -35.88 29.70 7.84
N GLY D 89 -34.65 30.19 8.04
CA GLY D 89 -34.41 31.20 9.05
C GLY D 89 -34.46 30.69 10.47
N MET D 90 -33.98 29.47 10.71
CA MET D 90 -34.10 28.86 12.02
C MET D 90 -32.85 28.05 12.31
N ALA D 91 -32.51 27.93 13.59
CA ALA D 91 -31.33 27.17 13.97
C ALA D 91 -31.59 25.67 13.87
N LEU D 92 -30.53 24.90 13.99
CA LEU D 92 -30.57 23.45 14.08
C LEU D 92 -30.79 23.05 15.52
N PRO D 93 -31.13 21.78 15.80
CA PRO D 93 -31.22 21.35 17.20
C PRO D 93 -29.88 21.47 17.90
N ALA D 94 -29.92 21.51 19.22
CA ALA D 94 -28.68 21.51 19.98
C ALA D 94 -28.14 20.08 20.08
N ARG D 95 -26.86 19.98 20.48
CA ARG D 95 -26.22 18.67 20.58
C ARG D 95 -26.86 17.82 21.67
N ASP D 96 -27.16 18.42 22.84
CA ASP D 96 -27.72 17.68 23.96
C ASP D 96 -29.01 16.99 23.56
N GLN D 97 -29.92 17.72 22.90
CA GLN D 97 -31.17 17.14 22.45
C GLN D 97 -30.95 15.83 21.72
N ILE D 98 -30.00 15.82 20.78
CA ILE D 98 -29.81 14.67 19.90
C ILE D 98 -29.27 13.48 20.69
N VAL D 99 -28.27 13.74 21.53
N VAL D 99 -28.27 13.74 21.52
CA VAL D 99 -27.68 12.63 22.30
CA VAL D 99 -27.66 12.68 22.32
C VAL D 99 -28.62 12.18 23.40
C VAL D 99 -28.64 12.19 23.37
N ARG D 100 -29.29 13.12 24.08
CA ARG D 100 -30.20 12.74 25.16
C ARG D 100 -31.42 12.00 24.63
N LEU D 101 -31.92 12.39 23.44
CA LEU D 101 -33.03 11.66 22.84
C LEU D 101 -32.66 10.21 22.60
N ILE D 102 -31.48 9.99 21.99
CA ILE D 102 -31.00 8.65 21.72
C ILE D 102 -30.78 7.89 23.01
N ALA D 103 -30.14 8.54 23.99
CA ALA D 103 -29.92 7.90 25.28
C ALA D 103 -31.25 7.47 25.90
N ASP D 104 -32.22 8.39 25.94
CA ASP D 104 -33.52 8.05 26.52
C ASP D 104 -34.23 6.92 25.77
N LEU D 105 -33.96 6.78 24.47
CA LEU D 105 -34.62 5.75 23.69
C LEU D 105 -34.08 4.36 23.95
N ASP D 106 -32.84 4.27 24.44
CA ASP D 106 -32.14 3.01 24.57
C ASP D 106 -32.57 2.28 25.84
N ARG D 107 -32.81 0.98 25.71
CA ARG D 107 -33.23 0.20 26.85
C ARG D 107 -32.87 -1.27 26.63
N PRO D 108 -32.68 -2.03 27.70
CA PRO D 108 -32.26 -3.43 27.57
C PRO D 108 -33.20 -4.25 26.68
N GLY D 109 -32.61 -4.92 25.71
CA GLY D 109 -33.35 -5.74 24.77
C GLY D 109 -33.84 -5.02 23.53
N ARG D 110 -33.40 -3.79 23.29
CA ARG D 110 -33.90 -2.99 22.18
C ARG D 110 -32.75 -2.51 21.30
N LEU D 111 -32.85 -2.81 20.00
CA LEU D 111 -31.97 -2.24 18.99
C LEU D 111 -32.46 -0.85 18.60
N THR D 112 -31.55 0.12 18.63
CA THR D 112 -31.88 1.54 18.47
C THR D 112 -31.08 2.09 17.29
N LEU D 113 -31.76 2.31 16.16
CA LEU D 113 -31.09 2.79 14.96
C LEU D 113 -31.16 4.32 14.91
N VAL D 114 -30.06 4.93 14.45
CA VAL D 114 -29.94 6.38 14.33
C VAL D 114 -29.51 6.71 12.92
N GLU D 115 -30.36 7.41 12.18
CA GLU D 115 -30.04 7.85 10.84
C GLU D 115 -29.74 9.34 10.87
N GLY D 116 -28.64 9.75 10.25
CA GLY D 116 -28.34 11.15 10.05
C GLY D 116 -28.96 11.66 8.78
N ALA D 117 -28.40 12.73 8.25
CA ALA D 117 -28.82 13.25 6.96
C ALA D 117 -27.67 13.13 5.99
N GLY D 118 -27.78 12.21 5.03
CA GLY D 118 -26.70 12.03 4.07
C GLY D 118 -25.48 11.38 4.71
N GLY D 119 -24.30 11.92 4.38
CA GLY D 119 -23.04 11.35 4.80
C GLY D 119 -22.68 11.59 6.25
N LEU D 120 -21.56 10.96 6.66
CA LEU D 120 -21.18 10.91 8.07
C LEU D 120 -20.80 12.28 8.64
N LEU D 121 -20.06 13.08 7.88
CA LEU D 121 -19.58 14.37 8.38
C LEU D 121 -20.55 15.50 8.10
N VAL D 122 -21.82 15.17 7.82
CA VAL D 122 -22.85 16.17 7.62
C VAL D 122 -23.22 16.78 8.95
N GLU D 123 -23.26 18.13 8.99
CA GLU D 123 -23.64 18.87 10.20
C GLU D 123 -25.10 18.59 10.56
N LEU D 124 -25.33 18.24 11.82
CA LEU D 124 -26.67 17.93 12.33
C LEU D 124 -27.11 18.79 13.49
N ALA D 125 -26.19 19.40 14.22
CA ALA D 125 -26.51 20.27 15.34
C ALA D 125 -25.62 21.51 15.26
N GLU D 126 -25.92 22.50 16.11
N GLU D 126 -25.93 22.50 16.10
CA GLU D 126 -25.48 23.89 16.04
CA GLU D 126 -25.47 23.89 15.98
C GLU D 126 -23.99 24.10 15.79
C GLU D 126 -23.96 24.03 15.73
N PRO D 127 -23.08 23.61 16.66
CA PRO D 127 -21.66 23.97 16.50
C PRO D 127 -20.86 22.89 15.79
N GLY D 128 -21.25 22.58 14.55
CA GLY D 128 -20.49 21.61 13.76
C GLY D 128 -20.59 20.17 14.23
N VAL D 129 -21.61 19.80 14.97
CA VAL D 129 -21.75 18.44 15.44
C VAL D 129 -22.30 17.58 14.31
N THR D 130 -21.64 16.46 14.06
CA THR D 130 -21.98 15.50 13.01
C THR D 130 -22.43 14.19 13.63
N LEU D 131 -22.96 13.30 12.80
CA LEU D 131 -23.36 11.99 13.30
C LEU D 131 -22.20 11.29 13.98
N ARG D 132 -20.97 11.53 13.52
CA ARG D 132 -19.81 10.83 14.10
C ARG D 132 -19.61 11.22 15.56
N ASP D 133 -19.71 12.52 15.87
CA ASP D 133 -19.68 12.95 17.26
C ASP D 133 -20.75 12.22 18.07
N VAL D 134 -21.96 12.16 17.53
CA VAL D 134 -23.09 11.55 18.24
C VAL D 134 -22.81 10.08 18.55
N ALA D 135 -22.14 9.38 17.64
CA ALA D 135 -21.83 7.96 17.89
C ALA D 135 -20.84 7.80 19.04
N VAL D 136 -19.86 8.70 19.13
CA VAL D 136 -18.92 8.74 20.26
C VAL D 136 -19.72 8.78 21.56
N ASP D 137 -20.40 9.91 21.80
CA ASP D 137 -21.10 10.21 23.04
C ASP D 137 -22.00 9.08 23.55
N VAL D 138 -22.82 8.50 22.67
CA VAL D 138 -23.68 7.41 23.12
C VAL D 138 -23.00 6.06 23.00
N ALA D 139 -21.75 6.04 22.53
CA ALA D 139 -20.95 4.81 22.30
C ALA D 139 -21.70 3.82 21.42
N ALA D 140 -21.86 4.22 20.16
CA ALA D 140 -22.51 3.42 19.13
C ALA D 140 -21.49 2.95 18.10
N ALA D 141 -21.65 1.71 17.63
CA ALA D 141 -20.99 1.31 16.39
C ALA D 141 -21.74 1.87 15.21
N ALA D 142 -21.03 2.07 14.08
CA ALA D 142 -21.60 2.65 12.87
C ALA D 142 -21.68 1.61 11.76
N LEU D 143 -22.89 1.24 11.37
CA LEU D 143 -23.11 0.50 10.13
C LEU D 143 -23.05 1.49 8.97
N VAL D 144 -22.35 1.11 7.90
CA VAL D 144 -22.12 1.99 6.76
C VAL D 144 -22.82 1.41 5.54
N VAL D 145 -23.69 2.21 4.93
CA VAL D 145 -24.46 1.83 3.76
C VAL D 145 -23.77 2.39 2.52
N VAL D 146 -23.51 1.51 1.54
CA VAL D 146 -22.67 1.83 0.40
C VAL D 146 -23.43 1.58 -0.89
N THR D 147 -22.94 2.19 -1.97
CA THR D 147 -23.41 1.85 -3.30
C THR D 147 -22.50 0.82 -3.95
N ALA D 148 -22.99 0.22 -5.00
CA ALA D 148 -22.16 -0.69 -5.78
C ALA D 148 -21.50 0.02 -6.93
N ASP D 149 -21.66 1.33 -7.01
CA ASP D 149 -21.29 2.07 -8.20
C ASP D 149 -19.83 2.48 -8.14
N LEU D 150 -19.32 2.87 -9.31
CA LEU D 150 -17.99 3.47 -9.43
C LEU D 150 -17.81 4.55 -8.37
N GLY D 151 -16.64 4.59 -7.76
CA GLY D 151 -16.33 5.60 -6.78
C GLY D 151 -16.59 5.19 -5.35
N THR D 152 -17.31 4.08 -5.15
CA THR D 152 -17.69 3.69 -3.81
C THR D 152 -16.48 3.30 -2.97
N LEU D 153 -15.42 2.79 -3.60
CA LEU D 153 -14.30 2.36 -2.78
C LEU D 153 -13.55 3.55 -2.21
N ASN D 154 -13.28 4.57 -3.03
CA ASN D 154 -12.73 5.78 -2.44
C ASN D 154 -13.60 6.26 -1.29
N HIS D 155 -14.94 6.25 -1.46
CA HIS D 155 -15.81 6.82 -0.43
C HIS D 155 -15.88 5.94 0.81
N THR D 156 -15.95 4.62 0.64
CA THR D 156 -16.07 3.74 1.79
C THR D 156 -14.83 3.78 2.65
N LYS D 157 -13.66 3.68 2.03
CA LYS D 157 -12.41 3.85 2.75
C LYS D 157 -12.37 5.22 3.43
N LEU D 158 -12.86 6.25 2.77
CA LEU D 158 -12.81 7.56 3.41
C LEU D 158 -13.72 7.59 4.63
N THR D 159 -14.83 6.85 4.59
CA THR D 159 -15.75 6.86 5.73
C THR D 159 -15.20 5.99 6.83
N LEU D 160 -14.85 4.74 6.51
CA LEU D 160 -14.24 3.84 7.47
C LEU D 160 -13.03 4.45 8.16
N GLU D 161 -12.31 5.32 7.46
CA GLU D 161 -11.15 5.95 8.06
C GLU D 161 -11.56 7.02 9.04
N ALA D 162 -12.46 7.91 8.63
CA ALA D 162 -12.97 8.94 9.53
C ALA D 162 -13.67 8.35 10.73
N LEU D 163 -14.19 7.12 10.62
CA LEU D 163 -14.74 6.45 11.80
C LEU D 163 -13.62 6.13 12.79
N ALA D 164 -12.58 5.43 12.33
CA ALA D 164 -11.48 5.01 13.20
C ALA D 164 -10.72 6.19 13.79
N ALA D 165 -10.78 7.35 13.17
CA ALA D 165 -10.08 8.51 13.72
C ALA D 165 -10.68 8.99 15.04
N GLN D 166 -11.88 8.52 15.41
CA GLN D 166 -12.47 8.77 16.71
C GLN D 166 -12.86 7.46 17.39
N GLN D 167 -12.20 6.37 17.02
CA GLN D 167 -12.40 5.08 17.67
C GLN D 167 -13.88 4.68 17.69
N VAL D 168 -14.61 5.04 16.64
CA VAL D 168 -15.95 4.52 16.42
C VAL D 168 -15.81 3.20 15.69
N SER D 169 -16.28 2.13 16.33
CA SER D 169 -16.28 0.83 15.68
C SER D 169 -17.13 0.89 14.42
N CYS D 170 -16.76 0.05 13.45
CA CYS D 170 -17.56 -0.15 12.25
C CYS D 170 -18.25 -1.49 12.38
N ALA D 171 -19.58 -1.47 12.36
CA ALA D 171 -20.30 -2.73 12.53
C ALA D 171 -20.43 -3.52 11.23
N GLY D 172 -19.88 -2.99 10.12
CA GLY D 172 -19.95 -3.65 8.84
C GLY D 172 -20.48 -2.70 7.78
N LEU D 173 -20.71 -3.26 6.59
CA LEU D 173 -21.24 -2.54 5.46
C LEU D 173 -22.53 -3.18 4.98
N VAL D 174 -23.37 -2.36 4.35
CA VAL D 174 -24.53 -2.82 3.62
C VAL D 174 -24.52 -2.16 2.26
N ILE D 175 -24.63 -2.98 1.21
CA ILE D 175 -24.90 -2.49 -0.14
C ILE D 175 -26.37 -2.08 -0.16
N GLY D 176 -26.61 -0.77 -0.21
CA GLY D 176 -27.96 -0.26 -0.11
C GLY D 176 -28.85 -0.75 -1.24
N SER D 177 -28.40 -0.56 -2.48
CA SER D 177 -29.16 -0.98 -3.65
C SER D 177 -28.25 -1.82 -4.53
N TRP D 178 -28.59 -3.10 -4.69
CA TRP D 178 -27.83 -4.07 -5.48
C TRP D 178 -28.62 -4.43 -6.73
N PRO D 179 -28.07 -4.21 -7.92
CA PRO D 179 -28.88 -4.28 -9.15
C PRO D 179 -29.12 -5.72 -9.61
N ASP D 180 -30.03 -5.85 -10.60
CA ASP D 180 -30.36 -7.15 -11.19
C ASP D 180 -30.69 -6.96 -12.67
N PRO D 181 -29.75 -7.27 -13.56
CA PRO D 181 -28.41 -7.80 -13.23
C PRO D 181 -27.42 -6.69 -12.88
N PRO D 182 -26.34 -7.05 -12.18
CA PRO D 182 -25.30 -6.05 -11.88
C PRO D 182 -24.34 -5.88 -13.04
N GLY D 183 -23.87 -4.64 -13.22
CA GLY D 183 -22.89 -4.35 -14.24
C GLY D 183 -21.51 -4.93 -13.92
N LEU D 184 -20.57 -4.59 -14.79
CA LEU D 184 -19.18 -5.00 -14.60
C LEU D 184 -18.58 -4.38 -13.35
N VAL D 185 -18.96 -3.13 -13.05
CA VAL D 185 -18.38 -2.41 -11.93
C VAL D 185 -18.99 -2.89 -10.62
N ALA D 186 -20.30 -3.02 -10.57
CA ALA D 186 -20.94 -3.46 -9.34
C ALA D 186 -20.46 -4.85 -8.94
N ALA D 187 -20.45 -5.78 -9.89
CA ALA D 187 -19.96 -7.11 -9.59
C ALA D 187 -18.56 -7.07 -9.00
N SER D 188 -17.73 -6.15 -9.50
CA SER D 188 -16.37 -6.03 -9.01
C SER D 188 -16.34 -5.44 -7.61
N ASN D 189 -17.00 -4.30 -7.43
CA ASN D 189 -16.95 -3.61 -6.15
C ASN D 189 -17.52 -4.46 -5.02
N ARG D 190 -18.59 -5.20 -5.28
CA ARG D 190 -19.07 -6.14 -4.27
C ARG D 190 -17.95 -7.02 -3.75
N SER D 191 -16.97 -7.34 -4.59
CA SER D 191 -15.79 -8.09 -4.16
C SER D 191 -14.75 -7.18 -3.50
N ALA D 192 -14.49 -6.01 -4.11
CA ALA D 192 -13.51 -5.09 -3.53
C ALA D 192 -13.98 -4.58 -2.17
N LEU D 193 -15.28 -4.36 -2.01
CA LEU D 193 -15.82 -3.94 -0.71
C LEU D 193 -15.61 -5.01 0.35
N ALA D 194 -15.97 -6.25 0.02
CA ALA D 194 -15.79 -7.35 0.96
C ALA D 194 -14.33 -7.49 1.41
N ARG D 195 -13.37 -7.02 0.61
CA ARG D 195 -11.98 -7.03 1.03
C ARG D 195 -11.65 -5.91 1.99
N ILE D 196 -12.55 -4.94 2.13
CA ILE D 196 -12.32 -3.83 3.05
C ILE D 196 -12.93 -4.10 4.41
N ALA D 197 -14.19 -4.54 4.44
CA ALA D 197 -14.90 -4.76 5.69
C ALA D 197 -16.01 -5.74 5.42
N MET D 198 -16.64 -6.22 6.50
CA MET D 198 -17.69 -7.21 6.36
C MET D 198 -18.87 -6.60 5.59
N VAL D 199 -19.40 -7.36 4.64
CA VAL D 199 -20.63 -6.98 3.96
C VAL D 199 -21.75 -7.69 4.69
N ARG D 200 -22.58 -6.92 5.39
CA ARG D 200 -23.61 -7.54 6.21
C ARG D 200 -24.81 -7.98 5.39
N ALA D 201 -25.08 -7.34 4.25
CA ALA D 201 -26.18 -7.68 3.36
C ALA D 201 -26.10 -6.82 2.11
N ALA D 202 -26.74 -7.32 1.05
CA ALA D 202 -26.91 -6.57 -0.18
C ALA D 202 -28.40 -6.48 -0.42
N LEU D 203 -28.94 -5.29 -0.31
CA LEU D 203 -30.39 -5.24 -0.49
C LEU D 203 -30.71 -5.15 -1.98
N PRO D 204 -31.72 -5.89 -2.44
CA PRO D 204 -32.14 -5.78 -3.84
C PRO D 204 -32.63 -4.39 -4.18
N ALA D 205 -32.25 -3.90 -5.36
CA ALA D 205 -32.81 -2.66 -5.84
C ALA D 205 -34.34 -2.74 -5.84
N GLY D 206 -34.99 -1.62 -5.56
CA GLY D 206 -36.43 -1.55 -5.59
C GLY D 206 -37.14 -2.21 -4.43
N ALA D 207 -36.51 -2.26 -3.25
CA ALA D 207 -37.11 -2.92 -2.12
C ALA D 207 -38.15 -2.05 -1.41
N ALA D 208 -38.13 -0.73 -1.61
CA ALA D 208 -39.12 0.13 -0.99
C ALA D 208 -40.51 -0.07 -1.54
N SER D 209 -40.63 -0.64 -2.73
CA SER D 209 -41.91 -0.87 -3.37
C SER D 209 -42.50 -2.23 -3.03
N LEU D 210 -41.79 -3.05 -2.26
CA LEU D 210 -42.32 -4.34 -1.83
C LEU D 210 -43.49 -4.14 -0.86
N ASP D 211 -44.41 -5.09 -0.86
CA ASP D 211 -45.44 -5.12 0.17
C ASP D 211 -44.83 -5.57 1.48
N ALA D 212 -45.46 -5.14 2.58
CA ALA D 212 -44.91 -5.41 3.90
C ALA D 212 -44.65 -6.91 4.12
N GLY D 213 -45.41 -7.77 3.45
CA GLY D 213 -45.16 -9.19 3.56
C GLY D 213 -43.87 -9.59 2.88
N ASP D 214 -43.69 -9.16 1.62
CA ASP D 214 -42.49 -9.50 0.88
C ASP D 214 -41.25 -8.84 1.47
N PHE D 215 -41.40 -7.59 1.90
CA PHE D 215 -40.27 -6.88 2.50
C PHE D 215 -39.70 -7.63 3.69
N ALA D 216 -40.58 -8.22 4.50
CA ALA D 216 -40.10 -9.05 5.60
C ALA D 216 -39.31 -10.25 5.08
N ALA D 217 -39.74 -10.81 3.95
CA ALA D 217 -39.04 -11.95 3.37
C ALA D 217 -37.62 -11.58 2.98
N MET D 218 -37.47 -10.52 2.17
CA MET D 218 -36.15 -10.06 1.77
C MET D 218 -35.32 -9.61 2.96
N SER D 219 -35.97 -9.06 3.99
CA SER D 219 -35.21 -8.53 5.13
C SER D 219 -34.60 -9.67 5.93
N ALA D 220 -35.40 -10.67 6.25
CA ALA D 220 -34.85 -11.88 6.87
C ALA D 220 -33.79 -12.51 6.00
N ALA D 221 -34.00 -12.47 4.67
CA ALA D 221 -33.01 -13.02 3.75
C ALA D 221 -31.69 -12.27 3.83
N ALA D 222 -31.73 -10.94 3.73
CA ALA D 222 -30.53 -10.17 3.42
C ALA D 222 -29.43 -10.41 4.44
N PHE D 223 -29.76 -10.34 5.74
CA PHE D 223 -28.76 -10.35 6.81
C PHE D 223 -28.58 -11.75 7.39
N ASP D 224 -27.42 -11.96 7.99
CA ASP D 224 -27.15 -13.22 8.66
C ASP D 224 -27.95 -13.29 9.96
N ARG D 225 -28.69 -14.40 10.13
CA ARG D 225 -29.57 -14.53 11.29
C ARG D 225 -28.80 -14.48 12.60
N ASN D 226 -27.59 -15.06 12.61
CA ASN D 226 -26.78 -15.03 13.83
C ASN D 226 -26.16 -13.66 14.06
N TRP D 227 -25.90 -12.91 13.00
CA TRP D 227 -25.45 -11.54 13.19
C TRP D 227 -26.54 -10.69 13.79
N VAL D 228 -27.78 -10.87 13.30
CA VAL D 228 -28.91 -10.10 13.79
C VAL D 228 -29.10 -10.32 15.29
N ALA D 229 -29.40 -11.57 15.67
CA ALA D 229 -29.68 -11.88 17.07
C ALA D 229 -28.52 -11.52 17.99
N GLY D 230 -27.28 -11.68 17.50
CA GLY D 230 -26.12 -11.35 18.31
C GLY D 230 -25.98 -9.88 18.59
N LEU D 231 -26.63 -9.03 17.79
CA LEU D 231 -26.62 -7.60 18.08
C LEU D 231 -27.28 -7.33 19.41
N VAL D 232 -28.31 -8.12 19.76
CA VAL D 232 -28.95 -8.07 21.08
C VAL D 232 -29.43 -6.67 21.45
N1 DCP E . 24.90 -1.40 15.05
C2 DCP E . 25.34 -0.05 15.52
N3 DCP E . 24.65 1.17 15.07
C4 DCP E . 23.55 1.09 14.15
C5 DCP E . 23.10 -0.24 13.65
C6 DCP E . 23.80 -1.49 14.10
O2 DCP E . 26.25 0.02 16.28
N4 DCP E . 22.90 2.32 13.74
C1' DCP E . 25.65 -2.55 15.48
C2' DCP E . 25.10 -3.43 16.72
C3' DCP E . 25.21 -4.68 16.34
C4' DCP E . 25.29 -4.71 14.80
O4' DCP E . 25.77 -3.30 14.42
O3' DCP E . 26.45 -5.30 16.91
C5' DCP E . 24.07 -5.01 14.16
O5' DCP E . 22.97 -4.42 14.79
PA DCP E . 21.73 -5.33 15.36
O1A DCP E . 20.79 -4.43 16.12
O2A DCP E . 22.20 -6.48 16.23
O3A DCP E . 20.95 -5.96 14.09
PB DCP E . 19.99 -7.27 14.21
O1B DCP E . 19.13 -7.31 12.97
O2B DCP E . 19.06 -7.16 15.39
O3B DCP E . 20.86 -8.67 14.32
PG DCP E . 19.90 -9.97 14.34
O1G DCP E . 20.63 -11.30 14.45
O2G DCP E . 18.92 -9.84 15.49
O3G DCP E . 19.12 -9.91 13.05
MG MG F . 18.63 -8.39 17.17
N1 DCP G . 33.16 -17.68 -6.37
C2 DCP G . 34.20 -18.75 -6.33
N3 DCP G . 33.77 -20.18 -6.30
C4 DCP G . 32.39 -20.55 -6.24
C5 DCP G . 31.36 -19.48 -6.25
C6 DCP G . 31.76 -18.03 -6.30
O2 DCP G . 35.35 -18.45 -6.38
N4 DCP G . 32.00 -21.95 -6.18
C1' DCP G . 33.59 -16.29 -6.35
C2' DCP G . 33.89 -15.57 -7.75
C3' DCP G . 33.72 -14.31 -7.49
C4' DCP G . 32.86 -14.18 -6.23
O4' DCP G . 32.66 -15.60 -5.76
O3' DCP G . 34.98 -13.57 -7.14
C5' DCP G . 31.59 -13.72 -6.60
O5' DCP G . 31.08 -14.78 -7.35
PA DCP G . 30.17 -14.49 -8.68
O1A DCP G . 29.84 -15.79 -9.36
O2A DCP G . 30.75 -13.45 -9.59
O3A DCP G . 28.78 -14.00 -8.01
PB DCP G . 27.59 -13.24 -8.77
O1B DCP G . 26.23 -13.48 -8.18
O2B DCP G . 27.58 -13.35 -10.27
O3B DCP G . 28.08 -11.69 -8.41
PG DCP G . 27.32 -10.54 -9.22
O1G DCP G . 27.98 -9.21 -8.90
O2G DCP G . 27.37 -10.77 -10.71
O3G DCP G . 25.92 -10.51 -8.68
MG MG H . 27.08 -12.51 -12.34
N1 DCP I . -16.42 19.62 -18.00
C2 DCP I . -16.58 20.93 -18.71
N3 DCP I . -16.37 22.20 -17.95
C4 DCP I . -16.04 22.17 -16.54
C5 DCP I . -15.89 20.86 -15.85
C6 DCP I . -16.10 19.61 -16.60
O2 DCP I . -16.86 20.95 -19.86
N4 DCP I . -15.85 23.39 -15.81
C1' DCP I . -16.65 18.33 -18.65
C2' DCP I . -15.37 17.50 -19.19
C3' DCP I . -15.72 16.23 -19.10
C4' DCP I . -16.70 16.15 -17.91
O4' DCP I . -17.20 17.60 -17.74
O3' DCP I . -16.41 15.69 -20.31
C5' DCP I . -16.05 15.74 -16.73
O5' DCP I . -14.84 15.18 -17.17
PA DCP I . -13.40 15.56 -16.47
O1A DCP I . -12.38 14.72 -17.20
O2A DCP I . -13.02 17.03 -16.51
O3A DCP I . -13.62 15.13 -14.93
PB DCP I . -12.56 14.26 -14.08
O1B DCP I . -12.74 14.61 -12.63
O2B DCP I . -11.19 14.54 -14.62
O3B DCP I . -12.98 12.66 -14.25
PG DCP I . -11.87 11.46 -14.08
O1G DCP I . -12.41 10.22 -14.75
O2G DCP I . -10.57 11.91 -14.71
O3G DCP I . -11.66 11.18 -12.62
MG MG J . -9.37 13.09 -15.78
N1 DCP K . -34.39 1.96 -2.63
C2 DCP K . -35.16 0.69 -2.70
N3 DCP K . -34.51 -0.57 -2.26
C4 DCP K . -33.14 -0.57 -1.79
C5 DCP K . -32.37 0.69 -1.74
C6 DCP K . -33.00 1.96 -2.18
O2 DCP K . -36.28 0.70 -3.08
N4 DCP K . -32.54 -1.80 -1.37
C1' DCP K . -35.01 3.19 -3.10
C2' DCP K . -35.79 4.05 -1.97
C3' DCP K . -35.41 5.29 -2.12
C4' DCP K . -34.06 5.25 -2.86
O4' DCP K . -34.06 3.92 -3.61
O3' DCP K . -36.37 6.18 -2.85
C5' DCP K . -33.06 5.30 -1.87
O5' DCP K . -33.63 6.13 -0.92
PA DCP K . -33.24 6.11 0.65
O1A DCP K . -34.32 6.87 1.37
O2A DCP K . -33.13 4.72 1.21
O3A DCP K . -31.80 6.91 0.63
PB DCP K . -31.01 7.52 1.93
O1B DCP K . -29.75 6.76 2.18
O2B DCP K . -31.91 7.54 3.14
O3B DCP K . -30.45 9.00 1.52
PG DCP K . -31.20 10.35 1.99
O1G DCP K . -30.13 11.43 2.09
O2G DCP K . -32.22 10.71 0.94
O3G DCP K . -31.93 10.18 3.28
MG MG L . -32.69 8.91 4.82
#